data_4K7F
#
_entry.id   4K7F
#
_cell.length_a   83.864
_cell.length_b   58.552
_cell.length_c   89.581
_cell.angle_alpha   90.00
_cell.angle_beta   109.86
_cell.angle_gamma   90.00
#
_symmetry.space_group_name_H-M   'P 1 21 1'
#
loop_
_entity.id
_entity.type
_entity.pdbx_description
1 polymer 'HLA class I histocompatibility antigen, A-2 alpha chain'
2 polymer Beta-2-microglobulin
3 polymer 'Core protein'
4 water water
#
loop_
_entity_poly.entity_id
_entity_poly.type
_entity_poly.pdbx_seq_one_letter_code
_entity_poly.pdbx_strand_id
1 'polypeptide(L)'
;GSHSMRYFFTSVSRPGRGEPRFIAVGYVDDTQFVRFDSDAASQRMEPRAPWIEQEGPEYWDGETRKVKAHSQTHRVDLGT
LRGYYNQSEAGSHTVQRMYGCDVGSDWRFLRGYHQYAYDGKDYIALKEDLRSWTAADMAAQTTKHKWEAAHVAEQLRAYL
EGTCVEWLRRYLENGKETLQRTDAPKTHMTHHAVSDHEATLRCWALSFYPAEITLTWQRDGEDQTQDTELVETRPAGDGT
FQKWAAVVVPSGQEQRYTCHVQHEGLPKPLTLRWE
;
A,D
2 'polypeptide(L)'
;MIQRTPKIQVYSRHPAENGKSNFLNCYVSGFHPSDIEVDLLKNGERIEKVEHSDLSFSKDWSFYLLYYTEFTPTEKDEYA
CRVNHVTLSQPKIVKWDRDM
;
B,E
3 'polypeptide(L)' VCWGELMNL C,F
#
# COMPACT_ATOMS: atom_id res chain seq x y z
N SER A 2 -5.52 -2.46 -2.34
CA SER A 2 -5.05 -1.70 -1.18
C SER A 2 -5.73 -2.20 0.10
N HIS A 3 -5.03 -2.09 1.22
CA HIS A 3 -5.57 -2.53 2.50
C HIS A 3 -5.43 -1.45 3.57
N SER A 4 -6.11 -1.64 4.69
CA SER A 4 -6.09 -0.64 5.75
C SER A 4 -6.23 -1.24 7.15
N MET A 5 -5.57 -0.62 8.12
CA MET A 5 -5.83 -0.91 9.53
C MET A 5 -6.36 0.35 10.22
N ARG A 6 -7.41 0.18 11.01
CA ARG A 6 -8.14 1.29 11.60
C ARG A 6 -8.48 1.03 13.06
N TYR A 7 -8.16 1.97 13.93
CA TYR A 7 -8.61 1.93 15.32
C TYR A 7 -9.57 3.06 15.61
N PHE A 8 -10.71 2.70 16.22
CA PHE A 8 -11.77 3.63 16.56
C PHE A 8 -12.00 3.65 18.06
N PHE A 9 -12.15 4.84 18.62
CA PHE A 9 -12.33 5.03 20.05
C PHE A 9 -13.45 6.01 20.33
N THR A 10 -14.36 5.63 21.22
CA THR A 10 -15.46 6.49 21.61
C THR A 10 -15.57 6.58 23.13
N SER A 11 -15.53 7.81 23.65
CA SER A 11 -15.74 8.02 25.08
C SER A 11 -16.89 8.98 25.32
N VAL A 12 -17.86 8.55 26.12
CA VAL A 12 -19.05 9.34 26.39
C VAL A 12 -19.17 9.62 27.88
N SER A 13 -19.15 10.91 28.25
CA SER A 13 -19.28 11.30 29.64
C SER A 13 -20.68 11.05 30.14
N ARG A 14 -20.80 10.66 31.42
CA ARG A 14 -22.08 10.37 32.03
C ARG A 14 -22.21 11.13 33.34
N PRO A 15 -22.73 12.37 33.28
CA PRO A 15 -22.88 13.23 34.47
C PRO A 15 -23.65 12.54 35.59
N GLY A 16 -22.96 12.26 36.69
CA GLY A 16 -23.58 11.62 37.83
C GLY A 16 -23.46 10.11 37.81
N ARG A 17 -23.45 9.53 36.62
CA ARG A 17 -23.41 8.08 36.46
C ARG A 17 -21.99 7.52 36.59
N GLY A 18 -21.07 8.34 37.07
CA GLY A 18 -19.70 7.92 37.27
C GLY A 18 -18.78 8.21 36.10
N GLU A 19 -17.77 7.37 35.92
CA GLU A 19 -16.79 7.55 34.85
C GLU A 19 -17.37 7.27 33.47
N PRO A 20 -16.81 7.93 32.44
CA PRO A 20 -17.37 7.82 31.08
C PRO A 20 -17.32 6.41 30.48
N ARG A 21 -18.23 6.14 29.55
CA ARG A 21 -18.26 4.88 28.81
C ARG A 21 -17.21 4.91 27.70
N PHE A 22 -16.29 3.95 27.74
CA PHE A 22 -15.23 3.87 26.73
C PHE A 22 -15.33 2.60 25.89
N ILE A 23 -15.37 2.78 24.57
CA ILE A 23 -15.43 1.65 23.65
C ILE A 23 -14.38 1.78 22.55
N ALA A 24 -13.57 0.73 22.39
CA ALA A 24 -12.54 0.72 21.35
C ALA A 24 -12.74 -0.47 20.42
N VAL A 25 -12.59 -0.23 19.12
CA VAL A 25 -12.66 -1.32 18.14
C VAL A 25 -11.53 -1.22 17.13
N GLY A 26 -11.07 -2.38 16.66
CA GLY A 26 -10.03 -2.44 15.65
C GLY A 26 -10.51 -3.16 14.41
N TYR A 27 -10.09 -2.65 13.25
CA TYR A 27 -10.52 -3.18 11.97
C TYR A 27 -9.34 -3.36 11.02
N VAL A 28 -9.39 -4.45 10.25
CA VAL A 28 -8.56 -4.61 9.07
C VAL A 28 -9.53 -4.56 7.89
N ASP A 29 -9.41 -3.52 7.08
CA ASP A 29 -10.38 -3.24 6.03
C ASP A 29 -11.79 -3.15 6.61
N ASP A 30 -12.66 -4.08 6.20
CA ASP A 30 -14.03 -4.09 6.71
C ASP A 30 -14.27 -5.25 7.68
N THR A 31 -13.20 -5.68 8.36
CA THR A 31 -13.32 -6.78 9.31
C THR A 31 -12.80 -6.42 10.69
N GLN A 32 -13.68 -6.42 11.69
CA GLN A 32 -13.28 -6.15 13.06
C GLN A 32 -12.50 -7.32 13.64
N PHE A 33 -11.47 -7.03 14.44
CA PHE A 33 -10.67 -8.10 15.04
C PHE A 33 -10.44 -7.96 16.54
N VAL A 34 -10.53 -6.74 17.06
CA VAL A 34 -10.41 -6.52 18.51
C VAL A 34 -11.46 -5.55 19.04
N ARG A 35 -11.69 -5.61 20.34
CA ARG A 35 -12.64 -4.71 21.00
C ARG A 35 -12.30 -4.52 22.47
N PHE A 36 -12.81 -3.44 23.05
CA PHE A 36 -12.69 -3.19 24.48
C PHE A 36 -13.91 -2.41 24.96
N ASP A 37 -14.55 -2.92 26.01
CA ASP A 37 -15.70 -2.23 26.58
C ASP A 37 -15.45 -1.95 28.06
N SER A 38 -15.46 -0.67 28.42
CA SER A 38 -15.16 -0.23 29.78
C SER A 38 -16.14 -0.77 30.81
N ASP A 39 -17.37 -1.03 30.38
CA ASP A 39 -18.42 -1.49 31.28
C ASP A 39 -18.52 -3.02 31.36
N ALA A 40 -17.66 -3.70 30.61
CA ALA A 40 -17.66 -5.16 30.63
C ALA A 40 -16.85 -5.69 31.82
N ALA A 41 -17.21 -6.88 32.29
CA ALA A 41 -16.53 -7.49 33.43
C ALA A 41 -15.12 -7.94 33.05
N SER A 42 -14.89 -8.10 31.75
CA SER A 42 -13.61 -8.57 31.23
C SER A 42 -12.44 -7.65 31.59
N GLN A 43 -12.61 -6.36 31.28
CA GLN A 43 -11.54 -5.37 31.41
C GLN A 43 -10.29 -5.78 30.64
N ARG A 44 -10.51 -6.44 29.51
CA ARG A 44 -9.43 -6.91 28.66
C ARG A 44 -9.72 -6.54 27.21
N MET A 45 -8.66 -6.38 26.41
CA MET A 45 -8.82 -6.32 24.97
C MET A 45 -9.19 -7.72 24.52
N GLU A 46 -10.29 -7.85 23.78
CA GLU A 46 -10.79 -9.16 23.38
C GLU A 46 -10.67 -9.40 21.87
N PRO A 47 -10.54 -10.67 21.47
CA PRO A 47 -10.55 -11.03 20.04
C PRO A 47 -11.96 -10.96 19.47
N ARG A 48 -12.07 -10.59 18.19
CA ARG A 48 -13.34 -10.55 17.51
C ARG A 48 -13.23 -11.16 16.12
N ALA A 49 -12.05 -11.71 15.84
CA ALA A 49 -11.80 -12.41 14.58
C ALA A 49 -11.06 -13.70 14.88
N PRO A 50 -11.33 -14.76 14.10
CA PRO A 50 -10.68 -16.05 14.32
C PRO A 50 -9.17 -15.98 14.20
N TRP A 51 -8.67 -15.14 13.30
CA TRP A 51 -7.25 -15.10 12.98
C TRP A 51 -6.40 -14.25 13.94
N ILE A 52 -7.04 -13.57 14.88
CA ILE A 52 -6.31 -12.78 15.87
C ILE A 52 -6.13 -13.57 17.16
N GLU A 53 -6.89 -14.66 17.28
CA GLU A 53 -6.83 -15.50 18.47
C GLU A 53 -5.48 -16.20 18.61
N GLN A 54 -4.72 -16.24 17.52
CA GLN A 54 -3.39 -16.85 17.51
C GLN A 54 -2.45 -16.17 18.50
N GLU A 55 -2.52 -14.83 18.54
CA GLU A 55 -1.60 -14.01 19.32
C GLU A 55 -1.45 -14.48 20.76
N GLY A 56 -0.20 -14.47 21.25
CA GLY A 56 0.09 -14.94 22.58
C GLY A 56 -0.31 -13.98 23.68
N PRO A 57 0.02 -14.32 24.93
CA PRO A 57 -0.32 -13.52 26.12
C PRO A 57 0.30 -12.13 26.12
N GLU A 58 1.51 -11.99 25.57
CA GLU A 58 2.17 -10.69 25.50
C GLU A 58 1.31 -9.69 24.72
N TYR A 59 0.76 -10.16 23.61
CA TYR A 59 -0.09 -9.34 22.75
C TYR A 59 -1.27 -8.80 23.52
N TRP A 60 -2.02 -9.70 24.15
CA TRP A 60 -3.25 -9.32 24.85
C TRP A 60 -2.98 -8.45 26.07
N ASP A 61 -1.93 -8.77 26.85
CA ASP A 61 -1.56 -7.93 27.98
C ASP A 61 -1.19 -6.52 27.52
N GLY A 62 -0.33 -6.44 26.51
CA GLY A 62 0.09 -5.17 25.96
C GLY A 62 -1.05 -4.32 25.45
N GLU A 63 -1.88 -4.91 24.59
CA GLU A 63 -3.03 -4.22 24.02
C GLU A 63 -4.02 -3.79 25.08
N THR A 64 -4.17 -4.61 26.12
CA THR A 64 -5.05 -4.28 27.23
C THR A 64 -4.53 -3.03 27.96
N ARG A 65 -3.25 -3.07 28.34
CA ARG A 65 -2.63 -1.92 29.00
C ARG A 65 -2.78 -0.65 28.18
N LYS A 66 -2.42 -0.74 26.90
CA LYS A 66 -2.46 0.43 26.02
C LYS A 66 -3.88 0.97 25.83
N VAL A 67 -4.84 0.08 25.62
CA VAL A 67 -6.23 0.52 25.44
C VAL A 67 -6.78 1.15 26.72
N LYS A 68 -6.36 0.64 27.87
CA LYS A 68 -6.73 1.25 29.14
C LYS A 68 -6.15 2.66 29.23
N ALA A 69 -4.91 2.81 28.79
CA ALA A 69 -4.27 4.13 28.70
C ALA A 69 -5.09 5.06 27.82
N HIS A 70 -5.59 4.53 26.70
CA HIS A 70 -6.48 5.29 25.81
C HIS A 70 -7.70 5.77 26.57
N SER A 71 -8.32 4.86 27.32
CA SER A 71 -9.51 5.19 28.10
C SER A 71 -9.22 6.33 29.07
N GLN A 72 -8.09 6.24 29.77
CA GLN A 72 -7.73 7.29 30.72
C GLN A 72 -7.50 8.64 30.03
N THR A 73 -6.74 8.63 28.94
CA THR A 73 -6.45 9.85 28.19
C THR A 73 -7.74 10.52 27.70
N HIS A 74 -8.65 9.73 27.16
CA HIS A 74 -9.96 10.26 26.73
C HIS A 74 -10.74 10.82 27.92
N ARG A 75 -10.67 10.11 29.04
CA ARG A 75 -11.33 10.54 30.27
C ARG A 75 -10.87 11.93 30.68
N VAL A 76 -9.56 12.16 30.63
CA VAL A 76 -9.02 13.49 30.92
C VAL A 76 -9.44 14.50 29.85
N ASP A 77 -9.45 14.04 28.60
CA ASP A 77 -9.81 14.88 27.46
C ASP A 77 -11.21 15.47 27.60
N LEU A 78 -12.14 14.68 28.13
CA LEU A 78 -13.50 15.17 28.34
C LEU A 78 -13.53 16.41 29.24
N GLY A 79 -12.82 16.35 30.37
CA GLY A 79 -12.74 17.47 31.28
C GLY A 79 -12.01 18.66 30.67
N THR A 80 -10.89 18.37 30.01
CA THR A 80 -10.12 19.41 29.33
C THR A 80 -10.97 20.19 28.35
N LEU A 81 -11.68 19.47 27.49
CA LEU A 81 -12.55 20.07 26.48
C LEU A 81 -13.73 20.79 27.11
N ARG A 82 -14.22 20.26 28.23
CA ARG A 82 -15.24 20.95 29.00
C ARG A 82 -14.72 22.32 29.42
N GLY A 83 -13.44 22.36 29.78
CA GLY A 83 -12.78 23.62 30.09
C GLY A 83 -12.66 24.54 28.88
N TYR A 84 -12.20 23.98 27.76
CA TYR A 84 -11.98 24.76 26.54
C TYR A 84 -13.24 25.47 26.05
N TYR A 85 -14.37 24.79 26.15
CA TYR A 85 -15.63 25.31 25.61
C TYR A 85 -16.54 25.93 26.67
N ASN A 86 -16.06 25.99 27.91
CA ASN A 86 -16.83 26.55 29.02
C ASN A 86 -18.19 25.88 29.15
N GLN A 87 -18.20 24.54 29.22
CA GLN A 87 -19.45 23.79 29.26
C GLN A 87 -19.78 23.28 30.67
N SER A 88 -21.06 23.03 30.90
CA SER A 88 -21.53 22.58 32.21
C SER A 88 -21.15 21.13 32.51
N GLU A 89 -21.25 20.76 33.78
CA GLU A 89 -20.89 19.41 34.22
C GLU A 89 -22.12 18.51 34.26
N ALA A 90 -23.23 19.03 33.73
CA ALA A 90 -24.50 18.30 33.78
C ALA A 90 -25.00 17.88 32.40
N GLY A 91 -24.08 17.84 31.43
CA GLY A 91 -24.42 17.40 30.10
C GLY A 91 -23.47 16.34 29.60
N SER A 92 -23.99 15.35 28.88
CA SER A 92 -23.17 14.30 28.31
C SER A 92 -22.45 14.78 27.05
N HIS A 93 -21.16 14.48 26.96
CA HIS A 93 -20.39 14.86 25.77
C HIS A 93 -19.62 13.66 25.23
N THR A 94 -19.23 13.75 23.96
CA THR A 94 -18.61 12.62 23.29
C THR A 94 -17.30 12.98 22.62
N VAL A 95 -16.26 12.21 22.90
CA VAL A 95 -15.00 12.36 22.20
CA VAL A 95 -14.97 12.34 22.24
C VAL A 95 -14.72 11.11 21.36
N GLN A 96 -14.36 11.33 20.10
CA GLN A 96 -14.08 10.23 19.20
C GLN A 96 -12.69 10.38 18.60
N ARG A 97 -11.92 9.30 18.60
CA ARG A 97 -10.62 9.29 17.92
C ARG A 97 -10.52 8.13 16.93
N MET A 98 -10.05 8.42 15.73
CA MET A 98 -9.78 7.36 14.76
C MET A 98 -8.37 7.52 14.24
N TYR A 99 -7.64 6.41 14.13
CA TYR A 99 -6.35 6.48 13.46
C TYR A 99 -5.99 5.19 12.74
N GLY A 100 -5.02 5.26 11.82
CA GLY A 100 -4.61 4.07 11.12
C GLY A 100 -3.86 4.32 9.84
N CYS A 101 -3.66 3.25 9.08
CA CYS A 101 -2.81 3.33 7.89
C CYS A 101 -3.33 2.52 6.71
N ASP A 102 -3.03 2.99 5.51
CA ASP A 102 -3.36 2.30 4.27
C ASP A 102 -2.08 1.90 3.54
N VAL A 103 -2.06 0.66 3.06
CA VAL A 103 -0.98 0.18 2.21
C VAL A 103 -1.50 -0.14 0.81
N GLY A 104 -0.63 -0.01 -0.18
CA GLY A 104 -1.01 -0.23 -1.56
C GLY A 104 -0.80 -1.66 -2.01
N SER A 105 -0.78 -1.87 -3.33
CA SER A 105 -0.63 -3.20 -3.90
C SER A 105 0.74 -3.79 -3.61
N ASP A 106 1.73 -2.92 -3.41
CA ASP A 106 3.09 -3.37 -3.09
C ASP A 106 3.25 -3.58 -1.59
N TRP A 107 2.13 -3.58 -0.87
CA TRP A 107 2.11 -3.79 0.58
C TRP A 107 3.01 -2.81 1.34
N ARG A 108 3.19 -1.62 0.79
CA ARG A 108 4.00 -0.58 1.43
C ARG A 108 3.12 0.59 1.82
N PHE A 109 3.63 1.43 2.73
CA PHE A 109 2.87 2.56 3.25
C PHE A 109 2.32 3.46 2.14
N LEU A 110 1.01 3.61 2.11
CA LEU A 110 0.35 4.47 1.13
C LEU A 110 -0.13 5.74 1.82
N ARG A 111 -0.92 5.59 2.88
CA ARG A 111 -1.44 6.75 3.60
C ARG A 111 -1.51 6.52 5.11
N GLY A 112 -1.65 7.61 5.86
CA GLY A 112 -1.79 7.54 7.30
C GLY A 112 -2.75 8.60 7.79
N TYR A 113 -3.46 8.32 8.87
CA TYR A 113 -4.40 9.29 9.41
C TYR A 113 -4.62 9.17 10.92
N HIS A 114 -5.02 10.27 11.52
CA HIS A 114 -5.24 10.36 12.96
C HIS A 114 -6.06 11.61 13.27
N GLN A 115 -7.32 11.41 13.66
CA GLN A 115 -8.24 12.52 13.87
C GLN A 115 -9.14 12.38 15.10
N TYR A 116 -9.54 13.54 15.63
CA TYR A 116 -10.36 13.68 16.82
C TYR A 116 -11.58 14.51 16.47
N ALA A 117 -12.72 14.07 16.99
CA ALA A 117 -13.96 14.83 16.91
C ALA A 117 -14.57 14.97 18.30
N TYR A 118 -15.25 16.09 18.52
CA TYR A 118 -15.93 16.37 19.78
C TYR A 118 -17.39 16.70 19.54
N ASP A 119 -18.27 15.87 20.06
CA ASP A 119 -19.71 16.00 19.87
C ASP A 119 -20.13 16.00 18.39
N GLY A 120 -19.69 14.98 17.65
CA GLY A 120 -20.10 14.78 16.27
C GLY A 120 -19.42 15.69 15.26
N LYS A 121 -18.43 16.44 15.71
CA LYS A 121 -17.87 17.53 14.91
C LYS A 121 -16.35 17.44 14.85
N ASP A 122 -15.79 17.68 13.67
CA ASP A 122 -14.33 17.67 13.48
C ASP A 122 -13.65 18.55 14.53
N TYR A 123 -12.68 17.98 15.24
CA TYR A 123 -11.93 18.74 16.22
C TYR A 123 -10.50 18.99 15.76
N ILE A 124 -9.70 17.94 15.65
CA ILE A 124 -8.34 18.11 15.14
C ILE A 124 -7.92 16.93 14.27
N ALA A 125 -7.15 17.17 13.22
CA ALA A 125 -6.78 16.08 12.33
C ALA A 125 -5.36 16.19 11.81
N LEU A 126 -4.67 15.06 11.72
CA LEU A 126 -3.35 15.04 11.12
C LEU A 126 -3.49 15.20 9.62
N LYS A 127 -2.72 16.13 9.04
CA LYS A 127 -2.75 16.33 7.59
C LYS A 127 -2.05 15.19 6.87
N GLU A 128 -2.21 15.15 5.54
CA GLU A 128 -1.66 14.05 4.76
C GLU A 128 -0.13 14.01 4.78
N ASP A 129 0.50 15.17 4.96
CA ASP A 129 1.95 15.24 5.03
C ASP A 129 2.50 14.65 6.33
N LEU A 130 1.59 14.34 7.25
CA LEU A 130 1.91 13.67 8.51
C LEU A 130 2.85 14.49 9.41
N ARG A 131 2.82 15.82 9.25
CA ARG A 131 3.66 16.69 10.05
C ARG A 131 3.00 18.04 10.34
N SER A 132 1.71 18.14 10.08
CA SER A 132 0.95 19.35 10.40
C SER A 132 -0.49 19.01 10.81
N TRP A 133 -1.15 19.97 11.45
CA TRP A 133 -2.49 19.73 12.00
C TRP A 133 -3.55 20.66 11.43
N THR A 134 -4.74 20.11 11.20
CA THR A 134 -5.92 20.88 10.84
C THR A 134 -6.81 21.00 12.08
N ALA A 135 -6.98 22.23 12.56
CA ALA A 135 -7.78 22.49 13.75
C ALA A 135 -9.01 23.30 13.37
N ALA A 136 -10.19 22.74 13.61
CA ALA A 136 -11.44 23.32 13.14
C ALA A 136 -11.90 24.57 13.90
N ASP A 137 -11.45 24.73 15.15
CA ASP A 137 -11.78 25.91 15.92
C ASP A 137 -10.67 26.35 16.88
N MET A 138 -10.94 27.34 17.71
CA MET A 138 -9.94 27.95 18.58
C MET A 138 -9.39 26.99 19.64
N ALA A 139 -10.28 26.21 20.26
CA ALA A 139 -9.87 25.23 21.26
C ALA A 139 -8.90 24.22 20.63
N ALA A 140 -9.28 23.77 19.44
CA ALA A 140 -8.45 22.84 18.69
C ALA A 140 -7.12 23.49 18.31
N GLN A 141 -7.11 24.82 18.23
CA GLN A 141 -5.87 25.56 18.01
C GLN A 141 -5.01 25.53 19.27
N THR A 142 -5.65 25.56 20.43
CA THR A 142 -4.92 25.39 21.69
C THR A 142 -4.25 24.02 21.71
N THR A 143 -5.06 22.99 21.43
CA THR A 143 -4.55 21.63 21.31
C THR A 143 -3.38 21.59 20.33
N LYS A 144 -3.53 22.27 19.21
CA LYS A 144 -2.51 22.31 18.17
C LYS A 144 -1.20 22.92 18.67
N HIS A 145 -1.30 23.99 19.44
CA HIS A 145 -0.13 24.62 20.04
C HIS A 145 0.57 23.62 20.93
N LYS A 146 -0.21 22.99 21.81
CA LYS A 146 0.33 22.03 22.76
C LYS A 146 1.03 20.83 22.08
N TRP A 147 0.43 20.33 21.01
CA TRP A 147 0.99 19.20 20.29
C TRP A 147 2.21 19.58 19.46
N GLU A 148 2.22 20.80 18.94
CA GLU A 148 3.35 21.29 18.17
C GLU A 148 4.56 21.47 19.08
N ALA A 149 4.33 22.04 20.27
CA ALA A 149 5.41 22.23 21.23
C ALA A 149 6.01 20.90 21.69
N ALA A 150 5.21 19.84 21.67
CA ALA A 150 5.64 18.54 22.17
C ALA A 150 6.08 17.58 21.06
N HIS A 151 5.98 18.04 19.81
CA HIS A 151 6.37 17.23 18.64
C HIS A 151 5.64 15.89 18.56
N VAL A 152 4.32 15.93 18.71
CA VAL A 152 3.49 14.73 18.65
C VAL A 152 3.51 14.09 17.27
N ALA A 153 3.44 14.94 16.24
CA ALA A 153 3.36 14.49 14.86
C ALA A 153 4.51 13.58 14.46
N GLU A 154 5.68 13.78 15.06
CA GLU A 154 6.84 12.94 14.77
C GLU A 154 6.63 11.51 15.25
N GLN A 155 6.29 11.35 16.52
CA GLN A 155 6.05 10.03 17.09
C GLN A 155 4.88 9.36 16.37
N LEU A 156 3.83 10.14 16.13
CA LEU A 156 2.66 9.64 15.42
C LEU A 156 3.03 9.10 14.05
N ARG A 157 3.82 9.87 13.31
CA ARG A 157 4.28 9.45 11.99
C ARG A 157 5.14 8.18 12.09
N ALA A 158 5.92 8.11 13.15
CA ALA A 158 6.73 6.91 13.41
C ALA A 158 5.85 5.68 13.58
N TYR A 159 4.73 5.84 14.28
CA TYR A 159 3.78 4.73 14.44
C TYR A 159 3.11 4.38 13.11
N LEU A 160 2.57 5.39 12.43
CA LEU A 160 1.82 5.18 11.20
C LEU A 160 2.64 4.53 10.09
N GLU A 161 3.87 5.00 9.92
CA GLU A 161 4.72 4.50 8.84
C GLU A 161 5.44 3.20 9.18
N GLY A 162 5.51 2.88 10.46
CA GLY A 162 6.24 1.71 10.91
C GLY A 162 5.39 0.60 11.50
N THR A 163 5.10 0.72 12.79
CA THR A 163 4.37 -0.30 13.54
C THR A 163 3.04 -0.68 12.89
N CYS A 164 2.26 0.34 12.53
CA CYS A 164 0.95 0.17 11.92
C CYS A 164 1.02 -0.70 10.66
N VAL A 165 1.94 -0.36 9.76
CA VAL A 165 2.13 -1.10 8.53
C VAL A 165 2.59 -2.53 8.81
N GLU A 166 3.54 -2.66 9.72
CA GLU A 166 4.09 -3.96 10.12
C GLU A 166 2.97 -4.91 10.53
N TRP A 167 2.22 -4.49 11.55
CA TRP A 167 1.14 -5.32 12.07
C TRP A 167 -0.01 -5.48 11.09
N LEU A 168 -0.19 -4.51 10.20
CA LEU A 168 -1.18 -4.65 9.13
C LEU A 168 -0.79 -5.81 8.22
N ARG A 169 0.48 -5.87 7.83
CA ARG A 169 0.97 -6.95 6.99
C ARG A 169 0.90 -8.30 7.71
N ARG A 170 1.23 -8.29 9.00
CA ARG A 170 1.12 -9.51 9.81
C ARG A 170 -0.32 -10.05 9.83
N TYR A 171 -1.27 -9.17 10.17
CA TYR A 171 -2.68 -9.55 10.24
C TYR A 171 -3.19 -10.01 8.88
N LEU A 172 -2.79 -9.30 7.83
CA LEU A 172 -3.17 -9.65 6.47
C LEU A 172 -2.65 -11.04 6.10
N GLU A 173 -1.46 -11.37 6.61
CA GLU A 173 -0.90 -12.70 6.34
C GLU A 173 -1.68 -13.77 7.10
N ASN A 174 -1.86 -13.56 8.40
CA ASN A 174 -2.52 -14.55 9.24
C ASN A 174 -3.99 -14.83 8.86
N GLY A 175 -4.71 -13.78 8.50
CA GLY A 175 -6.10 -13.92 8.12
C GLY A 175 -6.32 -13.77 6.63
N LYS A 176 -5.35 -14.24 5.85
CA LYS A 176 -5.37 -14.09 4.40
C LYS A 176 -6.59 -14.75 3.76
N GLU A 177 -7.08 -15.82 4.38
CA GLU A 177 -8.22 -16.57 3.88
C GLU A 177 -9.47 -15.71 3.84
N THR A 178 -9.57 -14.77 4.77
CA THR A 178 -10.76 -13.92 4.88
C THR A 178 -10.48 -12.49 4.45
N LEU A 179 -9.28 -12.00 4.76
CA LEU A 179 -8.92 -10.61 4.46
C LEU A 179 -8.49 -10.42 3.02
N GLN A 180 -7.76 -11.39 2.47
CA GLN A 180 -7.31 -11.32 1.09
C GLN A 180 -8.27 -12.07 0.18
N ARG A 181 -9.56 -11.84 0.37
CA ARG A 181 -10.58 -12.48 -0.43
C ARG A 181 -11.44 -11.43 -1.12
N THR A 182 -12.11 -11.84 -2.18
CA THR A 182 -13.07 -10.98 -2.89
CA THR A 182 -13.07 -10.98 -2.85
C THR A 182 -14.31 -11.78 -3.24
N ASP A 183 -15.45 -11.38 -2.70
CA ASP A 183 -16.71 -12.04 -3.00
C ASP A 183 -17.54 -11.17 -3.93
N ALA A 184 -17.71 -11.63 -5.17
CA ALA A 184 -18.50 -10.89 -6.15
C ALA A 184 -19.96 -10.85 -5.73
N PRO A 185 -20.62 -9.70 -5.92
CA PRO A 185 -22.03 -9.56 -5.54
C PRO A 185 -22.95 -10.42 -6.41
N LYS A 186 -23.88 -11.11 -5.75
CA LYS A 186 -24.95 -11.79 -6.45
C LYS A 186 -26.05 -10.77 -6.65
N THR A 187 -26.31 -10.42 -7.92
CA THR A 187 -27.20 -9.32 -8.22
C THR A 187 -28.52 -9.77 -8.83
N HIS A 188 -29.58 -9.01 -8.56
CA HIS A 188 -30.86 -9.25 -9.22
C HIS A 188 -31.76 -8.03 -9.09
N MET A 189 -32.91 -8.04 -9.75
CA MET A 189 -33.85 -6.92 -9.64
C MET A 189 -35.25 -7.40 -9.31
N THR A 190 -35.92 -6.68 -8.42
CA THR A 190 -37.30 -6.99 -8.06
C THR A 190 -38.27 -5.92 -8.57
N HIS A 191 -39.48 -6.34 -8.87
CA HIS A 191 -40.51 -5.46 -9.42
C HIS A 191 -41.81 -5.62 -8.63
N HIS A 192 -42.30 -4.55 -8.05
CA HIS A 192 -43.55 -4.62 -7.28
C HIS A 192 -44.43 -3.39 -7.45
N ALA A 193 -45.63 -3.61 -8.00
CA ALA A 193 -46.59 -2.52 -8.19
C ALA A 193 -46.98 -1.88 -6.86
N VAL A 194 -46.78 -0.57 -6.77
CA VAL A 194 -47.21 0.18 -5.59
C VAL A 194 -48.59 0.76 -5.83
N SER A 195 -48.98 0.87 -7.09
CA SER A 195 -50.27 1.41 -7.47
C SER A 195 -50.74 0.84 -8.80
N ASP A 196 -51.83 1.39 -9.33
CA ASP A 196 -52.36 0.96 -10.62
C ASP A 196 -51.46 1.46 -11.74
N HIS A 197 -50.69 2.50 -11.44
CA HIS A 197 -49.93 3.21 -12.46
C HIS A 197 -48.44 3.30 -12.15
N GLU A 198 -48.03 2.82 -10.98
CA GLU A 198 -46.62 2.88 -10.60
C GLU A 198 -46.07 1.55 -10.11
N ALA A 199 -44.76 1.39 -10.22
CA ALA A 199 -44.09 0.17 -9.79
C ALA A 199 -42.71 0.47 -9.21
N THR A 200 -42.39 -0.21 -8.12
CA THR A 200 -41.07 -0.11 -7.50
C THR A 200 -40.11 -1.10 -8.14
N LEU A 201 -39.03 -0.56 -8.68
CA LEU A 201 -37.95 -1.36 -9.24
C LEU A 201 -36.77 -1.29 -8.28
N ARG A 202 -36.36 -2.43 -7.74
CA ARG A 202 -35.27 -2.45 -6.78
C ARG A 202 -34.10 -3.31 -7.26
N CYS A 203 -32.91 -2.72 -7.33
CA CYS A 203 -31.71 -3.44 -7.72
C CYS A 203 -30.93 -3.89 -6.50
N TRP A 204 -30.70 -5.20 -6.42
CA TRP A 204 -30.07 -5.85 -5.27
C TRP A 204 -28.68 -6.39 -5.58
N ALA A 205 -27.76 -6.14 -4.65
CA ALA A 205 -26.46 -6.79 -4.63
C ALA A 205 -26.29 -7.49 -3.28
N LEU A 206 -25.99 -8.77 -3.31
CA LEU A 206 -25.92 -9.56 -2.08
C LEU A 206 -24.62 -10.34 -1.92
N SER A 207 -24.27 -10.65 -0.67
CA SER A 207 -23.15 -11.53 -0.35
C SER A 207 -21.81 -11.08 -0.92
N PHE A 208 -21.54 -9.79 -0.87
CA PHE A 208 -20.29 -9.27 -1.43
C PHE A 208 -19.27 -8.82 -0.38
N TYR A 209 -17.99 -8.92 -0.74
CA TYR A 209 -16.89 -8.43 0.08
C TYR A 209 -15.76 -7.97 -0.82
N PRO A 210 -15.13 -6.82 -0.51
CA PRO A 210 -15.43 -5.94 0.62
C PRO A 210 -16.68 -5.09 0.40
N ALA A 211 -16.93 -4.16 1.32
CA ALA A 211 -18.18 -3.40 1.34
C ALA A 211 -18.31 -2.37 0.22
N GLU A 212 -17.18 -1.90 -0.31
CA GLU A 212 -17.20 -0.90 -1.38
CA GLU A 212 -17.21 -0.89 -1.37
C GLU A 212 -17.92 -1.43 -2.61
N ILE A 213 -18.92 -0.68 -3.07
CA ILE A 213 -19.73 -1.07 -4.21
C ILE A 213 -20.51 0.13 -4.71
N THR A 214 -20.87 0.13 -6.00
CA THR A 214 -21.71 1.19 -6.53
C THR A 214 -22.90 0.66 -7.31
N LEU A 215 -24.10 1.09 -6.91
CA LEU A 215 -25.33 0.77 -7.62
C LEU A 215 -25.93 2.05 -8.18
N THR A 216 -26.18 2.09 -9.49
CA THR A 216 -26.80 3.26 -10.10
C THR A 216 -27.93 2.88 -11.05
N TRP A 217 -28.98 3.69 -11.07
CA TRP A 217 -30.08 3.48 -12.01
C TRP A 217 -29.96 4.43 -13.20
N GLN A 218 -30.23 3.90 -14.39
CA GLN A 218 -30.27 4.72 -15.59
C GLN A 218 -31.62 4.59 -16.27
N ARG A 219 -32.11 5.71 -16.81
CA ARG A 219 -33.34 5.71 -17.59
C ARG A 219 -33.00 6.16 -19.01
N ASP A 220 -33.06 5.21 -19.95
CA ASP A 220 -32.60 5.44 -21.33
C ASP A 220 -31.19 6.02 -21.36
N GLY A 221 -30.32 5.48 -20.51
CA GLY A 221 -28.94 5.89 -20.46
C GLY A 221 -28.67 7.08 -19.56
N GLU A 222 -29.74 7.72 -19.09
CA GLU A 222 -29.61 8.90 -18.25
C GLU A 222 -29.61 8.52 -16.76
N ASP A 223 -28.55 8.91 -16.05
CA ASP A 223 -28.40 8.60 -14.63
C ASP A 223 -29.54 9.18 -13.79
N GLN A 224 -29.99 8.40 -12.80
CA GLN A 224 -31.18 8.76 -12.03
C GLN A 224 -30.92 8.87 -10.53
N THR A 225 -29.76 9.43 -10.16
CA THR A 225 -29.39 9.53 -8.75
C THR A 225 -30.33 10.42 -7.91
N GLN A 226 -30.85 11.47 -8.53
CA GLN A 226 -31.77 12.39 -7.85
C GLN A 226 -33.07 11.69 -7.43
N ASP A 227 -33.45 10.66 -8.16
CA ASP A 227 -34.70 9.96 -7.90
C ASP A 227 -34.49 8.50 -7.51
N THR A 228 -33.32 8.21 -6.96
CA THR A 228 -33.01 6.86 -6.52
C THR A 228 -32.90 6.80 -5.00
N GLU A 229 -33.61 5.84 -4.40
CA GLU A 229 -33.44 5.57 -2.97
C GLU A 229 -32.30 4.58 -2.78
N LEU A 230 -31.22 5.04 -2.14
CA LEU A 230 -30.02 4.23 -1.98
C LEU A 230 -29.75 4.01 -0.49
N VAL A 231 -29.93 2.78 -0.02
CA VAL A 231 -29.69 2.48 1.39
C VAL A 231 -28.20 2.32 1.69
N GLU A 232 -27.85 2.54 2.95
CA GLU A 232 -26.48 2.36 3.41
C GLU A 232 -26.11 0.89 3.31
N THR A 233 -24.90 0.62 2.81
CA THR A 233 -24.39 -0.74 2.74
C THR A 233 -24.44 -1.37 4.13
N ARG A 234 -25.02 -2.56 4.21
CA ARG A 234 -25.29 -3.19 5.49
C ARG A 234 -24.66 -4.57 5.58
N PRO A 235 -24.24 -4.97 6.80
CA PRO A 235 -23.64 -6.29 7.01
C PRO A 235 -24.70 -7.39 7.05
N ALA A 236 -24.42 -8.52 6.41
CA ALA A 236 -25.32 -9.67 6.45
C ALA A 236 -25.17 -10.39 7.78
N GLY A 237 -24.00 -10.25 8.40
CA GLY A 237 -23.71 -10.91 9.66
C GLY A 237 -22.71 -12.05 9.52
N ASP A 238 -22.49 -12.48 8.27
CA ASP A 238 -21.59 -13.59 7.99
C ASP A 238 -20.26 -13.12 7.41
N GLY A 239 -19.99 -11.82 7.50
CA GLY A 239 -18.76 -11.26 6.97
C GLY A 239 -18.93 -10.65 5.58
N THR A 240 -20.12 -10.81 5.01
CA THR A 240 -20.42 -10.22 3.72
C THR A 240 -21.39 -9.05 3.88
N PHE A 241 -21.63 -8.32 2.79
CA PHE A 241 -22.46 -7.13 2.86
C PHE A 241 -23.59 -7.15 1.84
N GLN A 242 -24.57 -6.26 2.04
CA GLN A 242 -25.71 -6.14 1.15
C GLN A 242 -25.97 -4.67 0.86
N LYS A 243 -26.65 -4.41 -0.26
CA LYS A 243 -27.05 -3.06 -0.62
C LYS A 243 -28.11 -3.12 -1.72
N TRP A 244 -29.06 -2.20 -1.68
CA TRP A 244 -29.99 -2.06 -2.79
C TRP A 244 -30.29 -0.62 -3.13
N ALA A 245 -30.71 -0.40 -4.38
CA ALA A 245 -31.13 0.93 -4.82
C ALA A 245 -32.48 0.82 -5.49
N ALA A 246 -33.41 1.70 -5.17
CA ALA A 246 -34.75 1.60 -5.73
C ALA A 246 -35.25 2.86 -6.42
N VAL A 247 -36.08 2.65 -7.44
CA VAL A 247 -36.70 3.74 -8.17
CA VAL A 247 -36.70 3.74 -8.17
C VAL A 247 -38.18 3.44 -8.38
N VAL A 248 -39.03 4.45 -8.23
CA VAL A 248 -40.46 4.28 -8.47
C VAL A 248 -40.78 4.81 -9.86
N VAL A 249 -41.24 3.93 -10.74
CA VAL A 249 -41.42 4.26 -12.15
C VAL A 249 -42.88 4.12 -12.58
N PRO A 250 -43.28 4.85 -13.63
CA PRO A 250 -44.61 4.63 -14.20
C PRO A 250 -44.68 3.24 -14.85
N SER A 251 -45.75 2.52 -14.59
CA SER A 251 -45.93 1.17 -15.14
C SER A 251 -45.91 1.20 -16.67
N GLY A 252 -45.08 0.35 -17.26
CA GLY A 252 -44.93 0.29 -18.71
C GLY A 252 -43.60 0.83 -19.18
N GLN A 253 -42.91 1.57 -18.31
CA GLN A 253 -41.62 2.16 -18.65
C GLN A 253 -40.45 1.31 -18.15
N GLU A 254 -40.73 0.12 -17.65
CA GLU A 254 -39.71 -0.73 -17.03
C GLU A 254 -38.48 -0.95 -17.90
N GLN A 255 -38.70 -1.13 -19.20
CA GLN A 255 -37.60 -1.42 -20.13
C GLN A 255 -36.65 -0.25 -20.35
N ARG A 256 -37.06 0.95 -19.94
CA ARG A 256 -36.20 2.13 -20.05
C ARG A 256 -35.13 2.12 -18.96
N TYR A 257 -35.43 1.43 -17.85
CA TYR A 257 -34.58 1.46 -16.68
C TYR A 257 -33.59 0.29 -16.63
N THR A 258 -32.34 0.61 -16.35
CA THR A 258 -31.29 -0.39 -16.18
C THR A 258 -30.52 -0.15 -14.91
N CYS A 259 -30.10 -1.21 -14.25
CA CYS A 259 -29.27 -1.09 -13.06
C CYS A 259 -27.81 -1.37 -13.39
N HIS A 260 -26.92 -0.65 -12.71
CA HIS A 260 -25.49 -0.74 -12.99
C HIS A 260 -24.73 -0.98 -11.69
N VAL A 261 -24.00 -2.09 -11.66
CA VAL A 261 -23.31 -2.55 -10.47
C VAL A 261 -21.81 -2.57 -10.68
N GLN A 262 -21.07 -1.94 -9.78
CA GLN A 262 -19.61 -1.96 -9.84
C GLN A 262 -19.03 -2.46 -8.52
N HIS A 263 -18.17 -3.46 -8.62
CA HIS A 263 -17.51 -4.08 -7.47
C HIS A 263 -16.20 -4.71 -7.94
N GLU A 264 -15.20 -4.74 -7.06
CA GLU A 264 -13.89 -5.26 -7.44
C GLU A 264 -13.89 -6.78 -7.67
N GLY A 265 -14.99 -7.43 -7.29
CA GLY A 265 -15.13 -8.87 -7.48
C GLY A 265 -15.63 -9.22 -8.86
N LEU A 266 -16.23 -8.23 -9.53
CA LEU A 266 -16.72 -8.41 -10.89
C LEU A 266 -15.60 -8.17 -11.89
N PRO A 267 -15.44 -9.08 -12.85
CA PRO A 267 -14.43 -8.93 -13.91
C PRO A 267 -14.62 -7.63 -14.68
N LYS A 268 -15.87 -7.18 -14.77
CA LYS A 268 -16.22 -5.90 -15.37
C LYS A 268 -17.59 -5.46 -14.86
N PRO A 269 -17.89 -4.15 -14.92
CA PRO A 269 -19.18 -3.65 -14.42
C PRO A 269 -20.39 -4.39 -15.00
N LEU A 270 -21.41 -4.59 -14.18
CA LEU A 270 -22.56 -5.39 -14.57
C LEU A 270 -23.81 -4.54 -14.80
N THR A 271 -24.50 -4.82 -15.89
CA THR A 271 -25.74 -4.11 -16.21
C THR A 271 -26.92 -5.07 -16.24
N LEU A 272 -27.91 -4.81 -15.37
CA LEU A 272 -29.12 -5.62 -15.31
C LEU A 272 -30.28 -4.87 -15.96
N ARG A 273 -31.15 -5.58 -16.64
CA ARG A 273 -32.22 -4.93 -17.40
C ARG A 273 -33.55 -5.68 -17.40
N TRP A 274 -34.62 -4.93 -17.66
CA TRP A 274 -35.94 -5.52 -17.85
C TRP A 274 -36.28 -5.51 -19.34
N GLU A 275 -36.61 -6.67 -19.89
CA GLU A 275 -37.10 -6.76 -21.26
C GLU A 275 -38.25 -7.77 -21.34
N MET B 1 -25.82 21.37 20.25
CA MET B 1 -24.97 20.29 19.77
C MET B 1 -25.62 19.55 18.60
N ILE B 2 -24.80 18.90 17.78
CA ILE B 2 -25.30 18.22 16.60
C ILE B 2 -26.01 16.91 16.95
N GLN B 3 -27.05 16.61 16.18
CA GLN B 3 -27.82 15.39 16.35
C GLN B 3 -28.11 14.79 14.98
N ARG B 4 -27.91 13.48 14.85
CA ARG B 4 -28.18 12.79 13.60
C ARG B 4 -29.14 11.63 13.81
N THR B 5 -30.15 11.55 12.95
CA THR B 5 -31.20 10.54 13.08
C THR B 5 -30.71 9.19 12.58
N PRO B 6 -31.02 8.12 13.34
CA PRO B 6 -30.62 6.77 12.91
C PRO B 6 -31.38 6.29 11.69
N LYS B 7 -30.65 5.75 10.73
CA LYS B 7 -31.24 5.08 9.58
C LYS B 7 -31.39 3.61 9.91
N ILE B 8 -32.63 3.13 9.83
CA ILE B 8 -32.97 1.80 10.31
C ILE B 8 -33.28 0.86 9.15
N GLN B 9 -32.62 -0.30 9.13
CA GLN B 9 -32.93 -1.32 8.15
C GLN B 9 -33.21 -2.64 8.86
N VAL B 10 -34.32 -3.29 8.49
CA VAL B 10 -34.68 -4.58 9.06
C VAL B 10 -34.72 -5.62 7.95
N TYR B 11 -33.94 -6.68 8.09
CA TYR B 11 -33.74 -7.61 6.99
C TYR B 11 -33.19 -8.94 7.46
N SER B 12 -33.38 -9.98 6.66
CA SER B 12 -32.82 -11.30 6.98
C SER B 12 -31.45 -11.47 6.32
N ARG B 13 -30.59 -12.28 6.94
CA ARG B 13 -29.26 -12.55 6.40
C ARG B 13 -29.35 -13.24 5.05
N HIS B 14 -30.14 -14.31 5.00
CA HIS B 14 -30.37 -15.05 3.76
C HIS B 14 -31.82 -14.83 3.33
N PRO B 15 -32.13 -15.09 2.04
CA PRO B 15 -33.52 -15.03 1.59
C PRO B 15 -34.44 -15.89 2.47
N ALA B 16 -35.58 -15.33 2.87
CA ALA B 16 -36.45 -15.98 3.84
C ALA B 16 -37.25 -17.13 3.26
N GLU B 17 -37.25 -18.25 3.97
CA GLU B 17 -38.06 -19.42 3.64
C GLU B 17 -38.72 -19.94 4.90
N ASN B 18 -40.04 -20.13 4.86
CA ASN B 18 -40.77 -20.61 6.02
C ASN B 18 -40.29 -21.99 6.49
N GLY B 19 -40.06 -22.12 7.79
CA GLY B 19 -39.61 -23.37 8.37
C GLY B 19 -38.10 -23.56 8.32
N LYS B 20 -37.39 -22.59 7.74
CA LYS B 20 -35.94 -22.67 7.61
C LYS B 20 -35.25 -21.59 8.43
N SER B 21 -34.38 -22.00 9.35
CA SER B 21 -33.72 -21.08 10.26
C SER B 21 -32.85 -20.05 9.52
N ASN B 22 -32.77 -18.86 10.09
CA ASN B 22 -32.16 -17.72 9.43
C ASN B 22 -31.72 -16.71 10.49
N PHE B 23 -31.22 -15.57 10.05
CA PHE B 23 -30.85 -14.51 10.99
C PHE B 23 -31.62 -13.22 10.71
N LEU B 24 -32.25 -12.69 11.76
CA LEU B 24 -32.93 -11.40 11.70
C LEU B 24 -31.95 -10.31 12.13
N ASN B 25 -31.85 -9.30 11.27
CA ASN B 25 -30.95 -8.17 11.47
C ASN B 25 -31.68 -6.84 11.51
N CYS B 26 -31.32 -6.01 12.48
CA CYS B 26 -31.68 -4.61 12.51
C CYS B 26 -30.41 -3.78 12.53
N TYR B 27 -30.11 -3.16 11.39
CA TYR B 27 -28.92 -2.34 11.27
C TYR B 27 -29.30 -0.87 11.38
N VAL B 28 -28.72 -0.20 12.37
CA VAL B 28 -28.95 1.24 12.55
C VAL B 28 -27.66 2.01 12.31
N SER B 29 -27.71 3.00 11.41
CA SER B 29 -26.49 3.71 11.07
C SER B 29 -26.68 5.23 10.99
N GLY B 30 -25.58 5.96 11.01
CA GLY B 30 -25.62 7.40 10.80
C GLY B 30 -26.24 8.22 11.91
N PHE B 31 -26.18 7.72 13.14
CA PHE B 31 -26.78 8.44 14.26
C PHE B 31 -25.75 9.11 15.18
N HIS B 32 -26.22 10.12 15.91
CA HIS B 32 -25.39 10.83 16.89
C HIS B 32 -26.33 11.61 17.81
N PRO B 33 -26.10 11.53 19.14
CA PRO B 33 -25.01 10.81 19.81
C PRO B 33 -25.24 9.30 19.87
N SER B 34 -24.34 8.60 20.54
CA SER B 34 -24.31 7.13 20.52
C SER B 34 -25.42 6.48 21.34
N ASP B 35 -25.96 7.19 22.32
CA ASP B 35 -27.01 6.63 23.17
C ASP B 35 -28.26 6.29 22.36
N ILE B 36 -28.61 5.01 22.33
CA ILE B 36 -29.72 4.55 21.50
C ILE B 36 -30.33 3.27 22.06
N GLU B 37 -31.64 3.10 21.90
CA GLU B 37 -32.33 1.90 22.33
C GLU B 37 -32.84 1.13 21.11
N VAL B 38 -32.41 -0.12 20.95
CA VAL B 38 -32.82 -0.93 19.82
C VAL B 38 -33.37 -2.28 20.27
N ASP B 39 -34.57 -2.61 19.83
CA ASP B 39 -35.21 -3.87 20.19
C ASP B 39 -35.73 -4.60 18.96
N LEU B 40 -35.53 -5.91 18.91
CA LEU B 40 -36.16 -6.72 17.88
C LEU B 40 -37.51 -7.22 18.40
N LEU B 41 -38.54 -7.06 17.57
CA LEU B 41 -39.90 -7.41 17.98
C LEU B 41 -40.47 -8.58 17.18
N LYS B 42 -41.05 -9.53 17.90
CA LYS B 42 -41.79 -10.63 17.27
C LYS B 42 -43.26 -10.53 17.68
N ASN B 43 -44.12 -10.21 16.72
CA ASN B 43 -45.54 -10.01 16.96
C ASN B 43 -45.83 -8.97 18.05
N GLY B 44 -44.96 -7.99 18.16
CA GLY B 44 -45.16 -6.89 19.09
C GLY B 44 -44.39 -7.04 20.40
N GLU B 45 -43.80 -8.20 20.63
CA GLU B 45 -43.07 -8.45 21.87
C GLU B 45 -41.57 -8.42 21.68
N ARG B 46 -40.85 -7.91 22.69
CA ARG B 46 -39.41 -7.80 22.64
C ARG B 46 -38.72 -9.18 22.67
N ILE B 47 -37.87 -9.42 21.69
CA ILE B 47 -37.07 -10.64 21.66
C ILE B 47 -35.89 -10.49 22.64
N GLU B 48 -35.76 -11.43 23.57
CA GLU B 48 -34.75 -11.32 24.61
C GLU B 48 -33.39 -11.87 24.17
N LYS B 49 -33.41 -12.71 23.14
CA LYS B 49 -32.20 -13.40 22.69
C LYS B 49 -31.50 -12.62 21.57
N VAL B 50 -31.19 -11.35 21.83
CA VAL B 50 -30.60 -10.49 20.80
C VAL B 50 -29.19 -10.03 21.14
N GLU B 51 -28.27 -10.23 20.19
CA GLU B 51 -26.90 -9.75 20.34
C GLU B 51 -26.71 -8.49 19.49
N HIS B 52 -25.67 -7.73 19.81
CA HIS B 52 -25.34 -6.55 19.01
C HIS B 52 -23.84 -6.40 18.79
N SER B 53 -23.47 -5.74 17.71
CA SER B 53 -22.08 -5.48 17.40
C SER B 53 -21.50 -4.44 18.36
N ASP B 54 -20.19 -4.27 18.33
CA ASP B 54 -19.55 -3.26 19.17
C ASP B 54 -19.65 -1.89 18.51
N LEU B 55 -19.84 -0.87 19.33
CA LEU B 55 -20.01 0.50 18.86
C LEU B 55 -18.86 0.96 17.98
N SER B 56 -19.18 1.32 16.74
CA SER B 56 -18.20 1.88 15.82
C SER B 56 -18.85 3.05 15.10
N PHE B 57 -18.08 3.73 14.26
CA PHE B 57 -18.59 4.88 13.54
C PHE B 57 -17.95 5.05 12.16
N SER B 58 -18.57 5.87 11.33
CA SER B 58 -18.12 6.05 9.96
C SER B 58 -17.17 7.23 9.82
N LYS B 59 -16.80 7.54 8.59
CA LYS B 59 -15.87 8.63 8.29
C LYS B 59 -16.43 9.99 8.75
N ASP B 60 -17.75 10.11 8.75
CA ASP B 60 -18.40 11.37 9.13
C ASP B 60 -18.73 11.41 10.63
N TRP B 61 -18.09 10.51 11.39
CA TRP B 61 -18.23 10.42 12.84
C TRP B 61 -19.57 9.85 13.33
N SER B 62 -20.47 9.54 12.40
CA SER B 62 -21.77 9.00 12.78
C SER B 62 -21.67 7.51 13.12
N PHE B 63 -22.41 7.10 14.15
CA PHE B 63 -22.29 5.74 14.69
C PHE B 63 -23.12 4.71 13.93
N TYR B 64 -22.72 3.45 14.05
CA TYR B 64 -23.51 2.34 13.49
C TYR B 64 -23.47 1.09 14.39
N LEU B 65 -24.61 0.42 14.46
CA LEU B 65 -24.75 -0.79 15.27
C LEU B 65 -25.60 -1.82 14.53
N LEU B 66 -25.22 -3.09 14.65
CA LEU B 66 -26.01 -4.18 14.12
C LEU B 66 -26.56 -5.02 15.27
N TYR B 67 -27.88 -5.13 15.33
CA TYR B 67 -28.54 -6.01 16.29
C TYR B 67 -29.04 -7.22 15.53
N TYR B 68 -28.90 -8.41 16.12
CA TYR B 68 -29.21 -9.63 15.38
C TYR B 68 -29.61 -10.79 16.26
N THR B 69 -30.42 -11.69 15.71
CA THR B 69 -30.81 -12.90 16.41
C THR B 69 -31.19 -14.01 15.45
N GLU B 70 -31.13 -15.25 15.92
CA GLU B 70 -31.59 -16.38 15.11
C GLU B 70 -33.12 -16.39 15.09
N PHE B 71 -33.70 -16.71 13.93
CA PHE B 71 -35.14 -16.81 13.83
C PHE B 71 -35.57 -17.69 12.67
N THR B 72 -36.67 -18.41 12.86
CA THR B 72 -37.23 -19.24 11.80
C THR B 72 -38.53 -18.64 11.32
N PRO B 73 -38.50 -18.01 10.14
CA PRO B 73 -39.65 -17.31 9.55
C PRO B 73 -40.85 -18.23 9.38
N THR B 74 -42.04 -17.73 9.65
CA THR B 74 -43.27 -18.48 9.41
C THR B 74 -44.26 -17.61 8.63
N GLU B 75 -45.44 -18.15 8.39
CA GLU B 75 -46.46 -17.46 7.61
C GLU B 75 -47.07 -16.30 8.38
N LYS B 76 -47.25 -16.50 9.68
CA LYS B 76 -48.04 -15.57 10.51
C LYS B 76 -47.21 -14.69 11.42
N ASP B 77 -45.98 -15.09 11.71
CA ASP B 77 -45.14 -14.32 12.62
C ASP B 77 -44.65 -13.01 11.99
N GLU B 78 -44.98 -11.90 12.64
CA GLU B 78 -44.58 -10.59 12.16
C GLU B 78 -43.39 -10.07 12.95
N TYR B 79 -42.33 -9.68 12.24
CA TYR B 79 -41.13 -9.18 12.89
C TYR B 79 -40.90 -7.70 12.59
N ALA B 80 -40.24 -7.02 13.52
CA ALA B 80 -39.96 -5.59 13.35
C ALA B 80 -38.78 -5.15 14.21
N CYS B 81 -38.44 -3.88 14.11
CA CYS B 81 -37.39 -3.29 14.93
C CYS B 81 -37.87 -1.97 15.51
N ARG B 82 -37.71 -1.82 16.82
CA ARG B 82 -38.11 -0.60 17.52
C ARG B 82 -36.86 0.16 17.94
N VAL B 83 -36.80 1.42 17.54
CA VAL B 83 -35.64 2.25 17.85
C VAL B 83 -36.06 3.54 18.55
N ASN B 84 -35.41 3.83 19.67
CA ASN B 84 -35.57 5.12 20.33
C ASN B 84 -34.25 5.87 20.41
N HIS B 85 -34.30 7.15 20.09
CA HIS B 85 -33.11 7.99 20.05
C HIS B 85 -33.55 9.43 20.29
N VAL B 86 -32.63 10.29 20.70
CA VAL B 86 -32.97 11.67 21.05
C VAL B 86 -33.56 12.44 19.87
N THR B 87 -33.18 12.05 18.65
CA THR B 87 -33.68 12.70 17.44
C THR B 87 -35.11 12.26 17.10
N LEU B 88 -35.62 11.28 17.83
CA LEU B 88 -36.97 10.78 17.61
C LEU B 88 -37.93 11.23 18.71
N SER B 89 -39.02 11.88 18.32
CA SER B 89 -40.01 12.36 19.28
C SER B 89 -40.72 11.17 19.94
N GLN B 90 -40.76 10.05 19.23
CA GLN B 90 -41.37 8.83 19.74
C GLN B 90 -40.70 7.63 19.09
N PRO B 91 -40.67 6.48 19.79
CA PRO B 91 -40.03 5.26 19.28
C PRO B 91 -40.52 4.90 17.86
N LYS B 92 -39.57 4.63 16.98
CA LYS B 92 -39.89 4.32 15.59
C LYS B 92 -39.90 2.82 15.34
N ILE B 93 -40.98 2.33 14.75
CA ILE B 93 -41.10 0.91 14.41
C ILE B 93 -40.90 0.72 12.92
N VAL B 94 -39.96 -0.15 12.55
CA VAL B 94 -39.77 -0.50 11.15
C VAL B 94 -40.05 -1.99 11.00
N LYS B 95 -41.08 -2.32 10.23
CA LYS B 95 -41.49 -3.71 10.07
C LYS B 95 -40.61 -4.46 9.07
N TRP B 96 -40.43 -5.76 9.31
CA TRP B 96 -39.70 -6.60 8.38
C TRP B 96 -40.55 -6.90 7.15
N ASP B 97 -40.01 -6.58 5.98
CA ASP B 97 -40.69 -6.86 4.72
C ASP B 97 -39.85 -7.85 3.93
N ARG B 98 -40.33 -9.09 3.85
CA ARG B 98 -39.57 -10.16 3.20
C ARG B 98 -39.71 -10.14 1.68
N ASP B 99 -40.63 -9.33 1.17
CA ASP B 99 -40.96 -9.35 -0.26
C ASP B 99 -40.30 -8.24 -1.08
N MET B 100 -39.33 -7.54 -0.50
CA MET B 100 -38.69 -6.45 -1.23
C MET B 100 -37.45 -6.89 -2.00
N VAL C 1 -1.51 -3.72 16.00
CA VAL C 1 -1.57 -3.18 17.35
C VAL C 1 -1.84 -1.68 17.33
N CYS C 2 -2.31 -1.15 18.45
CA CYS C 2 -2.64 0.27 18.54
C CYS C 2 -1.44 1.11 18.96
N TRP C 3 -1.62 2.43 18.96
CA TRP C 3 -0.53 3.35 19.28
C TRP C 3 -0.31 3.45 20.80
N GLY C 4 0.93 3.33 21.23
CA GLY C 4 1.25 3.28 22.64
C GLY C 4 1.59 4.64 23.26
N GLU C 5 1.94 5.60 22.42
CA GLU C 5 2.27 6.94 22.89
C GLU C 5 1.08 7.88 22.76
N LEU C 6 0.54 8.29 23.90
CA LEU C 6 -0.66 9.12 23.90
C LEU C 6 -0.39 10.50 24.51
N MET C 7 -1.06 11.51 24.01
CA MET C 7 -1.00 12.83 24.61
C MET C 7 -2.38 13.47 24.72
N ASN C 8 -2.64 14.10 25.86
CA ASN C 8 -3.92 14.72 26.13
C ASN C 8 -4.22 15.88 25.17
N LEU C 9 -5.51 16.14 24.95
CA LEU C 9 -5.94 17.29 24.16
C LEU C 9 -5.64 18.59 24.90
N GLY D 1 13.78 -5.28 9.31
CA GLY D 1 13.15 -4.74 8.12
C GLY D 1 12.70 -5.83 7.16
N SER D 2 11.99 -5.43 6.10
CA SER D 2 11.52 -6.38 5.11
C SER D 2 12.65 -6.75 4.15
N HIS D 3 12.55 -7.93 3.55
CA HIS D 3 13.58 -8.40 2.63
C HIS D 3 12.99 -8.93 1.33
N SER D 4 13.84 -9.10 0.32
CA SER D 4 13.37 -9.56 -0.98
C SER D 4 14.44 -10.35 -1.72
N MET D 5 14.00 -11.36 -2.46
CA MET D 5 14.90 -12.01 -3.41
C MET D 5 14.33 -11.81 -4.81
N ARG D 6 15.17 -11.37 -5.73
CA ARG D 6 14.73 -11.06 -7.09
C ARG D 6 15.72 -11.54 -8.13
N TYR D 7 15.21 -12.17 -9.18
CA TYR D 7 16.03 -12.54 -10.33
C TYR D 7 15.64 -11.69 -11.54
N PHE D 8 16.66 -11.18 -12.22
CA PHE D 8 16.51 -10.34 -13.41
C PHE D 8 17.19 -11.00 -14.60
N PHE D 9 16.48 -11.05 -15.72
CA PHE D 9 16.98 -11.67 -16.94
C PHE D 9 16.79 -10.73 -18.12
N THR D 10 17.84 -10.57 -18.93
CA THR D 10 17.78 -9.73 -20.10
C THR D 10 18.33 -10.45 -21.32
N SER D 11 17.52 -10.53 -22.38
CA SER D 11 17.98 -11.14 -23.63
C SER D 11 17.81 -10.17 -24.80
N VAL D 12 18.89 -9.98 -25.55
CA VAL D 12 18.91 -9.04 -26.66
C VAL D 12 19.31 -9.72 -27.95
N SER D 13 18.43 -9.65 -28.95
CA SER D 13 18.73 -10.24 -30.26
C SER D 13 19.76 -9.42 -31.01
N ARG D 14 20.66 -10.10 -31.71
CA ARG D 14 21.73 -9.44 -32.47
C ARG D 14 21.83 -10.08 -33.84
N PRO D 15 20.96 -9.67 -34.78
CA PRO D 15 20.88 -10.25 -36.13
C PRO D 15 22.22 -10.18 -36.86
N GLY D 16 22.80 -11.33 -37.17
CA GLY D 16 24.07 -11.39 -37.87
C GLY D 16 25.26 -11.35 -36.93
N ARG D 17 25.00 -11.02 -35.68
CA ARG D 17 26.07 -10.94 -34.68
C ARG D 17 26.07 -12.15 -33.76
N GLY D 18 25.31 -13.18 -34.14
CA GLY D 18 25.29 -14.43 -33.40
C GLY D 18 24.04 -14.64 -32.56
N GLU D 19 24.13 -15.54 -31.59
CA GLU D 19 23.02 -15.82 -30.67
C GLU D 19 22.71 -14.59 -29.82
N PRO D 20 21.46 -14.49 -29.32
CA PRO D 20 21.09 -13.37 -28.46
C PRO D 20 21.96 -13.28 -27.21
N ARG D 21 22.33 -12.06 -26.83
CA ARG D 21 23.05 -11.83 -25.59
C ARG D 21 22.11 -12.11 -24.41
N PHE D 22 22.53 -12.98 -23.51
CA PHE D 22 21.73 -13.31 -22.34
C PHE D 22 22.48 -13.00 -21.05
N ILE D 23 21.89 -12.14 -20.23
CA ILE D 23 22.50 -11.79 -18.94
C ILE D 23 21.50 -11.98 -17.81
N ALA D 24 21.91 -12.72 -16.78
CA ALA D 24 21.06 -12.98 -15.63
C ALA D 24 21.76 -12.53 -14.34
N VAL D 25 20.99 -11.94 -13.43
CA VAL D 25 21.52 -11.54 -12.13
C VAL D 25 20.54 -11.84 -11.02
N GLY D 26 21.06 -12.22 -9.87
CA GLY D 26 20.25 -12.49 -8.69
C GLY D 26 20.58 -11.54 -7.56
N TYR D 27 19.55 -11.04 -6.89
CA TYR D 27 19.70 -10.09 -5.81
C TYR D 27 18.96 -10.53 -4.55
N VAL D 28 19.63 -10.37 -3.41
CA VAL D 28 18.93 -10.35 -2.12
C VAL D 28 18.97 -8.91 -1.65
N ASP D 29 17.78 -8.30 -1.55
CA ASP D 29 17.66 -6.87 -1.30
C ASP D 29 18.45 -6.08 -2.35
N ASP D 30 19.41 -5.29 -1.90
CA ASP D 30 20.22 -4.49 -2.81
C ASP D 30 21.61 -5.10 -3.02
N THR D 31 21.72 -6.40 -2.74
CA THR D 31 23.00 -7.08 -2.85
C THR D 31 22.95 -8.22 -3.87
N GLN D 32 23.69 -8.05 -4.97
CA GLN D 32 23.79 -9.10 -5.99
C GLN D 32 24.61 -10.27 -5.46
N PHE D 33 24.19 -11.49 -5.78
CA PHE D 33 24.89 -12.67 -5.29
C PHE D 33 25.23 -13.69 -6.38
N VAL D 34 24.53 -13.63 -7.50
CA VAL D 34 24.82 -14.51 -8.64
C VAL D 34 24.73 -13.78 -9.98
N ARG D 35 25.37 -14.35 -11.00
CA ARG D 35 25.32 -13.80 -12.35
C ARG D 35 25.53 -14.89 -13.40
N PHE D 36 25.06 -14.62 -14.61
CA PHE D 36 25.35 -15.47 -15.76
C PHE D 36 25.43 -14.60 -17.01
N ASP D 37 26.54 -14.72 -17.74
CA ASP D 37 26.69 -13.99 -18.99
C ASP D 37 26.93 -14.99 -20.11
N SER D 38 26.08 -14.94 -21.13
CA SER D 38 26.17 -15.85 -22.26
C SER D 38 27.46 -15.67 -23.06
N ASP D 39 28.01 -14.45 -23.02
CA ASP D 39 29.22 -14.14 -23.78
C ASP D 39 30.50 -14.41 -23.01
N ALA D 40 30.37 -14.73 -21.72
CA ALA D 40 31.52 -15.02 -20.88
C ALA D 40 32.04 -16.43 -21.15
N ALA D 41 33.31 -16.66 -20.81
CA ALA D 41 33.97 -17.92 -21.12
C ALA D 41 33.52 -19.07 -20.21
N SER D 42 33.16 -18.76 -18.97
CA SER D 42 32.85 -19.77 -17.97
C SER D 42 31.62 -20.61 -18.34
N GLN D 43 30.60 -19.96 -18.88
CA GLN D 43 29.32 -20.60 -19.17
C GLN D 43 28.73 -21.25 -17.92
N ARG D 44 28.94 -20.61 -16.78
CA ARG D 44 28.46 -21.10 -15.50
C ARG D 44 27.75 -19.99 -14.74
N MET D 45 26.86 -20.37 -13.83
CA MET D 45 26.32 -19.41 -12.88
C MET D 45 27.44 -19.11 -11.87
N GLU D 46 27.76 -17.83 -11.70
CA GLU D 46 28.91 -17.45 -10.88
C GLU D 46 28.50 -16.69 -9.62
N PRO D 47 29.28 -16.84 -8.55
CA PRO D 47 29.04 -16.11 -7.29
C PRO D 47 29.41 -14.64 -7.43
N ARG D 48 28.69 -13.77 -6.73
CA ARG D 48 28.97 -12.33 -6.75
C ARG D 48 28.95 -11.76 -5.34
N ALA D 49 28.80 -12.64 -4.35
CA ALA D 49 28.81 -12.26 -2.95
C ALA D 49 29.56 -13.33 -2.16
N PRO D 50 30.25 -12.93 -1.07
CA PRO D 50 31.07 -13.86 -0.30
C PRO D 50 30.26 -15.02 0.30
N TRP D 51 29.05 -14.72 0.77
CA TRP D 51 28.25 -15.70 1.50
C TRP D 51 27.56 -16.75 0.61
N ILE D 52 27.58 -16.56 -0.70
CA ILE D 52 27.00 -17.53 -1.61
C ILE D 52 28.07 -18.53 -2.07
N GLU D 53 29.33 -18.19 -1.83
CA GLU D 53 30.45 -19.04 -2.20
C GLU D 53 30.46 -20.34 -1.40
N GLN D 54 29.78 -20.34 -0.26
CA GLN D 54 29.72 -21.51 0.62
C GLN D 54 28.97 -22.66 -0.05
N GLU D 55 28.05 -22.33 -0.95
CA GLU D 55 27.23 -23.33 -1.60
C GLU D 55 28.06 -24.36 -2.36
N GLY D 56 27.69 -25.63 -2.23
CA GLY D 56 28.46 -26.71 -2.84
C GLY D 56 28.26 -26.84 -4.34
N PRO D 57 28.91 -27.85 -4.94
CA PRO D 57 28.88 -28.09 -6.38
C PRO D 57 27.49 -28.39 -6.95
N GLU D 58 26.64 -29.02 -6.15
CA GLU D 58 25.27 -29.33 -6.58
C GLU D 58 24.52 -28.05 -6.88
N TYR D 59 24.70 -27.05 -6.01
CA TYR D 59 24.06 -25.76 -6.17
C TYR D 59 24.45 -25.12 -7.49
N TRP D 60 25.75 -25.06 -7.75
CA TRP D 60 26.26 -24.37 -8.93
C TRP D 60 25.93 -25.11 -10.24
N ASP D 61 26.01 -26.43 -10.21
CA ASP D 61 25.61 -27.23 -11.37
C ASP D 61 24.13 -27.00 -11.67
N GLY D 62 23.29 -27.10 -10.63
CA GLY D 62 21.87 -26.91 -10.77
C GLY D 62 21.47 -25.54 -11.31
N GLU D 63 22.00 -24.50 -10.67
CA GLU D 63 21.72 -23.13 -11.09
C GLU D 63 22.23 -22.86 -12.49
N THR D 64 23.37 -23.46 -12.84
CA THR D 64 23.91 -23.34 -14.20
C THR D 64 22.92 -23.92 -15.20
N ARG D 65 22.49 -25.15 -14.95
CA ARG D 65 21.53 -25.82 -15.83
C ARG D 65 20.25 -25.01 -15.99
N LYS D 66 19.67 -24.59 -14.87
CA LYS D 66 18.40 -23.85 -14.90
C LYS D 66 18.52 -22.47 -15.58
N VAL D 67 19.63 -21.77 -15.35
CA VAL D 67 19.82 -20.47 -15.98
C VAL D 67 20.06 -20.62 -17.48
N LYS D 68 20.70 -21.72 -17.87
CA LYS D 68 20.85 -22.03 -19.30
C LYS D 68 19.47 -22.30 -19.91
N ALA D 69 18.62 -22.99 -19.15
CA ALA D 69 17.24 -23.20 -19.56
C ALA D 69 16.53 -21.87 -19.79
N HIS D 70 16.75 -20.92 -18.87
CA HIS D 70 16.23 -19.57 -19.03
C HIS D 70 16.70 -18.95 -20.35
N SER D 71 18.00 -19.05 -20.59
CA SER D 71 18.61 -18.54 -21.82
C SER D 71 17.90 -19.08 -23.07
N GLN D 72 17.74 -20.40 -23.13
CA GLN D 72 17.08 -21.02 -24.28
C GLN D 72 15.63 -20.57 -24.42
N THR D 73 14.91 -20.54 -23.31
CA THR D 73 13.53 -20.11 -23.29
C THR D 73 13.38 -18.69 -23.87
N HIS D 74 14.22 -17.77 -23.42
CA HIS D 74 14.18 -16.40 -23.95
C HIS D 74 14.58 -16.36 -25.42
N ARG D 75 15.53 -17.22 -25.80
CA ARG D 75 15.96 -17.32 -27.19
C ARG D 75 14.79 -17.67 -28.08
N VAL D 76 13.97 -18.62 -27.66
CA VAL D 76 12.76 -18.97 -28.41
C VAL D 76 11.75 -17.82 -28.36
N ASP D 77 11.64 -17.20 -27.19
CA ASP D 77 10.70 -16.11 -26.95
C ASP D 77 10.89 -14.95 -27.93
N LEU D 78 12.14 -14.63 -28.25
CA LEU D 78 12.41 -13.55 -29.20
C LEU D 78 11.79 -13.82 -30.58
N GLY D 79 11.99 -15.03 -31.10
CA GLY D 79 11.42 -15.42 -32.38
C GLY D 79 9.90 -15.45 -32.32
N THR D 80 9.38 -16.04 -31.24
CA THR D 80 7.94 -16.07 -31.02
C THR D 80 7.32 -14.68 -31.08
N LEU D 81 7.96 -13.72 -30.41
CA LEU D 81 7.48 -12.35 -30.37
C LEU D 81 7.64 -11.66 -31.71
N ARG D 82 8.69 -12.01 -32.45
CA ARG D 82 8.81 -11.54 -33.82
C ARG D 82 7.60 -12.02 -34.62
N GLY D 83 7.12 -13.21 -34.30
CA GLY D 83 5.91 -13.72 -34.91
C GLY D 83 4.65 -12.97 -34.50
N TYR D 84 4.50 -12.74 -33.20
CA TYR D 84 3.31 -12.08 -32.65
C TYR D 84 3.13 -10.67 -33.19
N TYR D 85 4.24 -9.94 -33.30
CA TYR D 85 4.19 -8.53 -33.66
C TYR D 85 4.53 -8.27 -35.13
N ASN D 86 4.70 -9.35 -35.89
CA ASN D 86 5.00 -9.26 -37.32
C ASN D 86 6.24 -8.41 -37.59
N GLN D 87 7.32 -8.69 -36.86
CA GLN D 87 8.53 -7.87 -36.97
C GLN D 87 9.63 -8.57 -37.77
N SER D 88 10.44 -7.77 -38.45
CA SER D 88 11.49 -8.30 -39.34
C SER D 88 12.64 -8.93 -38.57
N GLU D 89 13.38 -9.79 -39.26
CA GLU D 89 14.54 -10.47 -38.68
C GLU D 89 15.69 -9.50 -38.45
N ALA D 90 15.70 -8.40 -39.20
CA ALA D 90 16.82 -7.47 -39.20
C ALA D 90 16.97 -6.65 -37.92
N GLY D 91 15.85 -6.35 -37.26
CA GLY D 91 15.88 -5.49 -36.09
C GLY D 91 16.29 -6.20 -34.80
N SER D 92 16.95 -5.45 -33.92
CA SER D 92 17.32 -5.95 -32.60
C SER D 92 16.22 -5.68 -31.58
N HIS D 93 15.88 -6.68 -30.78
CA HIS D 93 14.82 -6.53 -29.81
C HIS D 93 15.23 -7.05 -28.42
N THR D 94 14.52 -6.59 -27.40
CA THR D 94 14.88 -6.91 -26.02
C THR D 94 13.74 -7.56 -25.26
N VAL D 95 14.03 -8.67 -24.59
CA VAL D 95 13.07 -9.24 -23.66
C VAL D 95 13.63 -9.20 -22.25
N GLN D 96 12.80 -8.82 -21.29
CA GLN D 96 13.22 -8.74 -19.90
C GLN D 96 12.26 -9.50 -19.02
N ARG D 97 12.80 -10.20 -18.03
CA ARG D 97 11.95 -10.91 -17.09
C ARG D 97 12.46 -10.70 -15.67
N MET D 98 11.55 -10.45 -14.75
CA MET D 98 11.93 -10.26 -13.37
C MET D 98 10.96 -11.00 -12.48
N TYR D 99 11.47 -11.84 -11.59
CA TYR D 99 10.57 -12.50 -10.65
C TYR D 99 11.19 -12.63 -9.27
N GLY D 100 10.35 -12.79 -8.25
CA GLY D 100 10.86 -12.95 -6.91
C GLY D 100 9.83 -12.80 -5.82
N CYS D 101 10.32 -12.73 -4.58
CA CYS D 101 9.44 -12.69 -3.43
C CYS D 101 9.89 -11.68 -2.38
N ASP D 102 8.91 -11.09 -1.71
CA ASP D 102 9.14 -10.18 -0.59
C ASP D 102 8.62 -10.82 0.70
N VAL D 103 9.40 -10.70 1.76
CA VAL D 103 9.00 -11.12 3.10
C VAL D 103 9.10 -9.95 4.07
N GLY D 104 8.31 -10.00 5.14
CA GLY D 104 8.30 -8.94 6.12
C GLY D 104 9.44 -9.06 7.13
N SER D 105 9.36 -8.29 8.20
CA SER D 105 10.38 -8.30 9.24
C SER D 105 10.44 -9.65 9.95
N ASP D 106 9.32 -10.37 9.95
CA ASP D 106 9.24 -11.69 10.55
C ASP D 106 9.62 -12.78 9.55
N TRP D 107 10.10 -12.36 8.38
CA TRP D 107 10.52 -13.26 7.32
C TRP D 107 9.39 -14.13 6.76
N ARG D 108 8.15 -13.72 7.04
CA ARG D 108 6.99 -14.40 6.49
C ARG D 108 6.67 -13.84 5.11
N PHE D 109 6.13 -14.69 4.24
CA PHE D 109 5.79 -14.30 2.87
C PHE D 109 4.91 -13.05 2.84
N LEU D 110 5.39 -12.03 2.14
CA LEU D 110 4.63 -10.79 1.99
C LEU D 110 4.02 -10.77 0.60
N ARG D 111 4.87 -10.77 -0.42
CA ARG D 111 4.37 -10.75 -1.81
C ARG D 111 5.19 -11.63 -2.73
N GLY D 112 4.64 -11.89 -3.92
CA GLY D 112 5.34 -12.60 -4.96
C GLY D 112 5.09 -11.88 -6.27
N TYR D 113 6.04 -11.97 -7.19
CA TYR D 113 5.90 -11.29 -8.47
C TYR D 113 6.63 -11.97 -9.62
N HIS D 114 6.08 -11.83 -10.81
CA HIS D 114 6.67 -12.38 -12.02
C HIS D 114 6.21 -11.56 -13.23
N GLN D 115 7.09 -10.67 -13.70
CA GLN D 115 6.76 -9.79 -14.81
C GLN D 115 7.69 -9.97 -16.00
N TYR D 116 7.16 -9.66 -17.18
CA TYR D 116 7.85 -9.84 -18.44
C TYR D 116 7.56 -8.63 -19.34
N ALA D 117 8.63 -8.09 -19.90
CA ALA D 117 8.55 -6.92 -20.77
C ALA D 117 9.20 -7.19 -22.13
N TYR D 118 8.65 -6.55 -23.15
CA TYR D 118 9.18 -6.63 -24.51
C TYR D 118 9.51 -5.24 -25.03
N ASP D 119 10.76 -5.03 -25.41
CA ASP D 119 11.25 -3.73 -25.88
C ASP D 119 10.94 -2.59 -24.92
N GLY D 120 11.19 -2.83 -23.63
CA GLY D 120 11.04 -1.81 -22.61
C GLY D 120 9.61 -1.56 -22.19
N LYS D 121 8.68 -2.35 -22.74
CA LYS D 121 7.26 -2.16 -22.50
C LYS D 121 6.69 -3.36 -21.76
N ASP D 122 5.81 -3.10 -20.80
CA ASP D 122 5.11 -4.16 -20.09
C ASP D 122 4.50 -5.14 -21.08
N TYR D 123 4.76 -6.43 -20.89
CA TYR D 123 4.16 -7.45 -21.75
C TYR D 123 3.14 -8.27 -20.98
N ILE D 124 3.61 -9.08 -20.03
CA ILE D 124 2.67 -9.86 -19.22
C ILE D 124 3.15 -9.95 -17.77
N ALA D 125 2.23 -10.00 -16.82
CA ALA D 125 2.63 -10.07 -15.43
C ALA D 125 1.71 -10.96 -14.61
N LEU D 126 2.24 -11.56 -13.55
CA LEU D 126 1.42 -12.32 -12.64
C LEU D 126 0.74 -11.35 -11.69
N LYS D 127 -0.57 -11.50 -11.51
CA LYS D 127 -1.31 -10.65 -10.59
C LYS D 127 -0.92 -10.98 -9.15
N GLU D 128 -1.22 -10.08 -8.23
CA GLU D 128 -0.78 -10.24 -6.84
C GLU D 128 -1.46 -11.41 -6.12
N ASP D 129 -2.55 -11.92 -6.68
CA ASP D 129 -3.19 -13.11 -6.13
C ASP D 129 -2.44 -14.36 -6.57
N LEU D 130 -1.51 -14.17 -7.50
CA LEU D 130 -0.65 -15.23 -8.03
C LEU D 130 -1.45 -16.36 -8.69
N ARG D 131 -2.63 -16.03 -9.17
CA ARG D 131 -3.51 -17.03 -9.77
C ARG D 131 -4.02 -16.62 -11.15
N SER D 132 -3.76 -15.37 -11.53
CA SER D 132 -4.20 -14.87 -12.83
C SER D 132 -3.16 -13.96 -13.47
N TRP D 133 -3.33 -13.66 -14.75
CA TRP D 133 -2.36 -12.88 -15.50
C TRP D 133 -2.91 -11.55 -15.98
N THR D 134 -2.04 -10.55 -16.03
CA THR D 134 -2.34 -9.25 -16.63
C THR D 134 -1.56 -9.13 -17.94
N ALA D 135 -2.29 -9.07 -19.05
CA ALA D 135 -1.69 -8.98 -20.37
C ALA D 135 -1.84 -7.56 -20.92
N ALA D 136 -0.71 -6.95 -21.28
CA ALA D 136 -0.70 -5.55 -21.69
C ALA D 136 -1.30 -5.31 -23.07
N ASP D 137 -1.23 -6.33 -23.93
CA ASP D 137 -1.81 -6.23 -25.27
C ASP D 137 -2.34 -7.57 -25.78
N MET D 138 -2.64 -7.63 -27.08
CA MET D 138 -3.27 -8.81 -27.68
C MET D 138 -2.34 -10.02 -27.78
N ALA D 139 -1.09 -9.77 -28.17
CA ALA D 139 -0.09 -10.83 -28.24
C ALA D 139 0.09 -11.44 -26.85
N ALA D 140 0.17 -10.56 -25.87
CA ALA D 140 0.27 -10.98 -24.47
C ALA D 140 -0.98 -11.73 -24.05
N GLN D 141 -2.09 -11.48 -24.74
CA GLN D 141 -3.31 -12.23 -24.47
C GLN D 141 -3.17 -13.64 -25.03
N THR D 142 -2.51 -13.76 -26.18
CA THR D 142 -2.19 -15.08 -26.72
C THR D 142 -1.33 -15.87 -25.71
N THR D 143 -0.25 -15.22 -25.26
CA THR D 143 0.62 -15.81 -24.25
C THR D 143 -0.19 -16.23 -23.02
N LYS D 144 -1.12 -15.37 -22.62
CA LYS D 144 -1.98 -15.63 -21.47
C LYS D 144 -2.83 -16.88 -21.67
N HIS D 145 -3.38 -17.04 -22.87
CA HIS D 145 -4.17 -18.23 -23.19
C HIS D 145 -3.30 -19.47 -23.05
N LYS D 146 -2.11 -19.41 -23.67
CA LYS D 146 -1.20 -20.56 -23.64
C LYS D 146 -0.78 -20.94 -22.22
N TRP D 147 -0.52 -19.94 -21.39
CA TRP D 147 -0.09 -20.19 -20.01
C TRP D 147 -1.24 -20.66 -19.12
N GLU D 148 -2.44 -20.19 -19.43
CA GLU D 148 -3.63 -20.62 -18.68
C GLU D 148 -3.95 -22.07 -18.99
N ALA D 149 -3.84 -22.45 -20.26
CA ALA D 149 -4.12 -23.82 -20.67
C ALA D 149 -3.12 -24.81 -20.04
N ALA D 150 -1.92 -24.33 -19.75
CA ALA D 150 -0.85 -25.18 -19.22
C ALA D 150 -0.69 -25.07 -17.70
N HIS D 151 -1.54 -24.24 -17.09
CA HIS D 151 -1.52 -24.03 -15.64
C HIS D 151 -0.15 -23.63 -15.10
N VAL D 152 0.46 -22.64 -15.73
CA VAL D 152 1.76 -22.12 -15.30
C VAL D 152 1.66 -21.43 -13.94
N ALA D 153 0.54 -20.72 -13.74
CA ALA D 153 0.33 -19.91 -12.54
C ALA D 153 0.43 -20.71 -11.23
N GLU D 154 -0.08 -21.93 -11.22
CA GLU D 154 -0.06 -22.76 -10.02
C GLU D 154 1.37 -23.13 -9.60
N GLN D 155 2.14 -23.61 -10.56
CA GLN D 155 3.53 -23.99 -10.31
C GLN D 155 4.36 -22.76 -9.94
N LEU D 156 4.11 -21.66 -10.64
CA LEU D 156 4.80 -20.40 -10.36
C LEU D 156 4.54 -19.98 -8.93
N ARG D 157 3.27 -20.05 -8.51
CA ARG D 157 2.88 -19.70 -7.15
C ARG D 157 3.55 -20.64 -6.15
N ALA D 158 3.68 -21.90 -6.54
CA ALA D 158 4.38 -22.88 -5.71
C ALA D 158 5.84 -22.47 -5.50
N TYR D 159 6.46 -21.93 -6.55
CA TYR D 159 7.83 -21.44 -6.42
C TYR D 159 7.90 -20.19 -5.52
N LEU D 160 7.07 -19.20 -5.83
CA LEU D 160 7.10 -17.91 -5.14
C LEU D 160 6.78 -18.02 -3.64
N GLU D 161 5.76 -18.80 -3.30
CA GLU D 161 5.31 -18.91 -1.93
C GLU D 161 6.18 -19.84 -1.07
N GLY D 162 6.94 -20.71 -1.73
CA GLY D 162 7.73 -21.70 -1.02
C GLY D 162 9.23 -21.61 -1.22
N THR D 163 9.70 -22.15 -2.34
CA THR D 163 11.14 -22.22 -2.66
C THR D 163 11.83 -20.87 -2.54
N CYS D 164 11.24 -19.85 -3.16
CA CYS D 164 11.77 -18.50 -3.14
C CYS D 164 11.98 -18.01 -1.71
N VAL D 165 10.94 -18.14 -0.89
CA VAL D 165 10.99 -17.68 0.50
C VAL D 165 12.01 -18.49 1.32
N GLU D 166 12.01 -19.80 1.12
CA GLU D 166 12.92 -20.68 1.86
C GLU D 166 14.37 -20.32 1.58
N TRP D 167 14.72 -20.21 0.30
CA TRP D 167 16.08 -19.88 -0.08
C TRP D 167 16.45 -18.44 0.29
N LEU D 168 15.46 -17.55 0.29
CA LEU D 168 15.69 -16.19 0.74
C LEU D 168 16.07 -16.19 2.22
N ARG D 169 15.34 -16.96 3.02
CA ARG D 169 15.67 -17.10 4.43
C ARG D 169 17.06 -17.70 4.63
N ARG D 170 17.37 -18.72 3.84
CA ARG D 170 18.69 -19.34 3.88
C ARG D 170 19.81 -18.33 3.61
N TYR D 171 19.65 -17.56 2.53
CA TYR D 171 20.63 -16.56 2.15
C TYR D 171 20.76 -15.47 3.21
N LEU D 172 19.64 -15.08 3.79
CA LEU D 172 19.64 -14.08 4.86
C LEU D 172 20.38 -14.60 6.09
N GLU D 173 20.27 -15.90 6.33
CA GLU D 173 21.00 -16.52 7.44
C GLU D 173 22.49 -16.55 7.17
N ASN D 174 22.88 -17.11 6.04
CA ASN D 174 24.30 -17.27 5.72
C ASN D 174 25.03 -15.95 5.49
N GLY D 175 24.32 -14.93 5.03
CA GLY D 175 24.91 -13.63 4.78
C GLY D 175 24.39 -12.56 5.72
N LYS D 176 24.08 -12.95 6.95
CA LYS D 176 23.48 -12.05 7.92
C LYS D 176 24.37 -10.87 8.29
N GLU D 177 25.68 -11.06 8.15
CA GLU D 177 26.64 -10.02 8.51
C GLU D 177 26.51 -8.81 7.59
N THR D 178 26.19 -9.06 6.33
CA THR D 178 26.04 -7.98 5.34
C THR D 178 24.57 -7.68 5.04
N LEU D 179 23.78 -8.72 4.85
CA LEU D 179 22.38 -8.56 4.46
C LEU D 179 21.50 -8.01 5.57
N GLN D 180 21.75 -8.45 6.80
CA GLN D 180 20.94 -8.02 7.94
C GLN D 180 21.55 -6.82 8.65
N ARG D 181 22.34 -6.04 7.92
CA ARG D 181 22.97 -4.85 8.47
C ARG D 181 22.22 -3.60 8.04
N THR D 182 22.33 -2.55 8.82
CA THR D 182 21.80 -1.24 8.44
C THR D 182 22.86 -0.18 8.72
N ASP D 183 23.42 0.39 7.65
CA ASP D 183 24.39 1.46 7.79
C ASP D 183 23.67 2.79 7.63
N ALA D 184 23.60 3.56 8.71
CA ALA D 184 22.90 4.84 8.69
C ALA D 184 23.62 5.84 7.79
N PRO D 185 22.85 6.70 7.10
CA PRO D 185 23.47 7.69 6.21
C PRO D 185 24.27 8.73 6.98
N LYS D 186 25.47 9.02 6.51
CA LYS D 186 26.24 10.16 7.00
C LYS D 186 25.82 11.36 6.17
N THR D 187 25.21 12.34 6.83
CA THR D 187 24.56 13.43 6.12
C THR D 187 25.25 14.77 6.32
N HIS D 188 25.22 15.60 5.28
CA HIS D 188 25.69 16.99 5.41
C HIS D 188 25.11 17.84 4.30
N MET D 189 25.40 19.13 4.31
CA MET D 189 24.91 20.01 3.25
C MET D 189 26.03 20.91 2.72
N THR D 190 26.07 21.07 1.40
CA THR D 190 27.05 21.97 0.78
C THR D 190 26.38 23.22 0.24
N HIS D 191 27.10 24.33 0.30
CA HIS D 191 26.61 25.63 -0.14
C HIS D 191 27.60 26.20 -1.15
N HIS D 192 27.13 26.48 -2.36
CA HIS D 192 28.02 27.09 -3.35
C HIS D 192 27.33 28.15 -4.22
N ALA D 193 27.88 29.35 -4.22
CA ALA D 193 27.33 30.43 -5.04
C ALA D 193 27.48 30.13 -6.52
N VAL D 194 26.35 30.14 -7.24
CA VAL D 194 26.37 30.02 -8.68
C VAL D 194 26.33 31.42 -9.29
N SER D 195 26.09 32.41 -8.44
CA SER D 195 26.02 33.80 -8.87
C SER D 195 26.25 34.73 -7.68
N ASP D 196 26.03 36.02 -7.90
CA ASP D 196 26.20 37.02 -6.86
C ASP D 196 24.92 37.20 -6.05
N HIS D 197 23.92 36.40 -6.37
CA HIS D 197 22.61 36.51 -5.73
C HIS D 197 21.92 35.15 -5.67
N GLU D 198 22.63 34.11 -6.06
CA GLU D 198 22.05 32.79 -6.14
C GLU D 198 23.02 31.72 -5.61
N ALA D 199 22.52 30.81 -4.80
CA ALA D 199 23.37 29.76 -4.22
C ALA D 199 22.70 28.39 -4.31
N THR D 200 23.52 27.38 -4.59
CA THR D 200 23.09 26.00 -4.63
C THR D 200 23.31 25.33 -3.29
N LEU D 201 22.22 24.83 -2.71
CA LEU D 201 22.31 24.01 -1.51
C LEU D 201 22.11 22.55 -1.92
N ARG D 202 23.10 21.72 -1.59
CA ARG D 202 23.02 20.30 -1.90
C ARG D 202 23.04 19.47 -0.62
N CYS D 203 21.96 18.74 -0.39
CA CYS D 203 21.87 17.84 0.75
C CYS D 203 22.40 16.46 0.38
N TRP D 204 23.40 16.02 1.14
CA TRP D 204 24.12 14.78 0.90
C TRP D 204 23.83 13.72 1.96
N ALA D 205 23.61 12.49 1.49
CA ALA D 205 23.54 11.30 2.33
C ALA D 205 24.53 10.30 1.75
N LEU D 206 25.45 9.81 2.59
CA LEU D 206 26.52 8.94 2.12
C LEU D 206 26.68 7.67 2.95
N SER D 207 27.28 6.64 2.35
CA SER D 207 27.64 5.40 3.03
C SER D 207 26.48 4.71 3.73
N PHE D 208 25.32 4.67 3.08
CA PHE D 208 24.14 4.05 3.71
C PHE D 208 23.72 2.73 3.07
N TYR D 209 23.07 1.89 3.87
CA TYR D 209 22.50 0.63 3.41
C TYR D 209 21.31 0.28 4.31
N PRO D 210 20.21 -0.20 3.70
CA PRO D 210 20.01 -0.43 2.26
C PRO D 210 19.80 0.85 1.46
N ALA D 211 19.55 0.70 0.15
CA ALA D 211 19.47 1.83 -0.76
C ALA D 211 18.26 2.72 -0.54
N GLU D 212 17.19 2.15 0.01
CA GLU D 212 15.96 2.89 0.27
C GLU D 212 16.20 4.08 1.20
N ILE D 213 15.86 5.28 0.73
CA ILE D 213 16.08 6.50 1.48
C ILE D 213 15.21 7.63 0.93
N THR D 214 14.86 8.59 1.77
CA THR D 214 14.10 9.75 1.33
C THR D 214 14.83 11.06 1.65
N LEU D 215 15.11 11.85 0.61
CA LEU D 215 15.72 13.16 0.78
C LEU D 215 14.75 14.24 0.29
N THR D 216 14.35 15.14 1.20
CA THR D 216 13.45 16.22 0.80
C THR D 216 13.93 17.60 1.26
N TRP D 217 13.58 18.62 0.49
CA TRP D 217 13.86 20.00 0.87
C TRP D 217 12.59 20.72 1.29
N GLN D 218 12.67 21.47 2.38
CA GLN D 218 11.55 22.29 2.83
C GLN D 218 11.94 23.75 2.88
N ARG D 219 11.00 24.63 2.52
CA ARG D 219 11.18 26.06 2.66
C ARG D 219 10.12 26.60 3.61
N ASP D 220 10.54 27.00 4.80
CA ASP D 220 9.63 27.37 5.88
C ASP D 220 8.63 26.26 6.16
N GLY D 221 9.09 25.01 6.08
CA GLY D 221 8.25 23.86 6.35
C GLY D 221 7.40 23.44 5.17
N GLU D 222 7.54 24.14 4.05
CA GLU D 222 6.74 23.85 2.86
C GLU D 222 7.53 23.00 1.86
N ASP D 223 6.83 22.04 1.25
CA ASP D 223 7.43 21.14 0.27
C ASP D 223 8.05 21.90 -0.91
N GLN D 224 9.17 21.40 -1.41
CA GLN D 224 9.85 22.02 -2.55
C GLN D 224 10.14 21.01 -3.68
N THR D 225 9.15 20.20 -4.01
CA THR D 225 9.31 19.13 -5.00
C THR D 225 9.78 19.59 -6.38
N GLN D 226 9.03 20.48 -7.01
CA GLN D 226 9.34 20.93 -8.37
C GLN D 226 10.66 21.68 -8.47
N ASP D 227 11.13 22.21 -7.34
CA ASP D 227 12.36 23.00 -7.32
C ASP D 227 13.58 22.18 -6.92
N THR D 228 13.35 20.90 -6.59
CA THR D 228 14.41 20.04 -6.13
C THR D 228 14.94 19.11 -7.21
N GLU D 229 16.26 19.14 -7.43
CA GLU D 229 16.90 18.17 -8.31
C GLU D 229 17.35 16.96 -7.49
N LEU D 230 16.69 15.83 -7.70
CA LEU D 230 16.95 14.62 -6.95
C LEU D 230 17.57 13.57 -7.85
N VAL D 231 18.84 13.25 -7.62
CA VAL D 231 19.52 12.25 -8.46
C VAL D 231 19.22 10.82 -8.03
N GLU D 232 19.37 9.91 -8.98
CA GLU D 232 19.19 8.49 -8.73
C GLU D 232 20.16 8.01 -7.66
N THR D 233 19.66 7.24 -6.69
CA THR D 233 20.50 6.65 -5.67
C THR D 233 21.57 5.80 -6.34
N ARG D 234 22.84 6.03 -5.97
CA ARG D 234 23.96 5.44 -6.66
C ARG D 234 24.83 4.60 -5.74
N PRO D 235 25.44 3.54 -6.29
CA PRO D 235 26.33 2.69 -5.49
C PRO D 235 27.71 3.32 -5.33
N ALA D 236 28.28 3.23 -4.13
CA ALA D 236 29.61 3.76 -3.87
C ALA D 236 30.66 2.76 -4.38
N GLY D 237 30.27 1.50 -4.47
CA GLY D 237 31.16 0.45 -4.95
C GLY D 237 31.65 -0.44 -3.82
N ASP D 238 31.28 -0.10 -2.60
CA ASP D 238 31.72 -0.87 -1.43
C ASP D 238 30.56 -1.51 -0.69
N GLY D 239 29.41 -1.58 -1.35
CA GLY D 239 28.22 -2.17 -0.74
C GLY D 239 27.27 -1.13 -0.17
N THR D 240 27.75 0.12 -0.08
CA THR D 240 26.92 1.20 0.43
C THR D 240 26.43 2.09 -0.71
N PHE D 241 25.53 3.01 -0.39
CA PHE D 241 24.91 3.85 -1.41
C PHE D 241 25.05 5.35 -1.12
N GLN D 242 24.80 6.15 -2.14
CA GLN D 242 24.87 7.61 -2.01
C GLN D 242 23.67 8.24 -2.70
N LYS D 243 23.32 9.44 -2.27
CA LYS D 243 22.25 10.20 -2.90
C LYS D 243 22.36 11.66 -2.47
N TRP D 244 22.01 12.56 -3.38
CA TRP D 244 21.89 13.96 -3.00
C TRP D 244 20.70 14.66 -3.64
N ALA D 245 20.27 15.76 -3.02
CA ALA D 245 19.18 16.55 -3.56
C ALA D 245 19.54 18.02 -3.48
N ALA D 246 19.36 18.76 -4.58
CA ALA D 246 19.80 20.14 -4.61
C ALA D 246 18.69 21.14 -4.92
N VAL D 247 18.81 22.32 -4.31
CA VAL D 247 17.89 23.42 -4.57
CA VAL D 247 17.90 23.42 -4.58
C VAL D 247 18.68 24.71 -4.81
N VAL D 248 18.27 25.48 -5.80
CA VAL D 248 18.91 26.75 -6.11
C VAL D 248 18.08 27.89 -5.53
N VAL D 249 18.65 28.61 -4.56
CA VAL D 249 17.90 29.62 -3.82
C VAL D 249 18.54 31.01 -3.90
N PRO D 250 17.73 32.06 -3.66
CA PRO D 250 18.29 33.41 -3.54
C PRO D 250 19.19 33.53 -2.32
N SER D 251 20.37 34.12 -2.49
CA SER D 251 21.30 34.30 -1.40
C SER D 251 20.68 35.14 -0.28
N GLY D 252 20.77 34.63 0.95
CA GLY D 252 20.21 35.31 2.09
C GLY D 252 18.98 34.60 2.64
N GLN D 253 18.44 33.67 1.86
CA GLN D 253 17.25 32.92 2.26
C GLN D 253 17.59 31.53 2.76
N GLU D 254 18.87 31.22 2.87
CA GLU D 254 19.32 29.87 3.22
C GLU D 254 18.71 29.33 4.51
N GLN D 255 18.51 30.19 5.49
CA GLN D 255 17.99 29.77 6.79
C GLN D 255 16.53 29.32 6.73
N ARG D 256 15.86 29.64 5.62
CA ARG D 256 14.48 29.20 5.41
C ARG D 256 14.45 27.74 4.96
N TYR D 257 15.56 27.29 4.39
CA TYR D 257 15.63 25.96 3.78
C TYR D 257 16.20 24.91 4.72
N THR D 258 15.50 23.79 4.83
CA THR D 258 15.95 22.68 5.65
C THR D 258 15.89 21.38 4.87
N CYS D 259 16.87 20.50 5.11
CA CYS D 259 16.89 19.19 4.47
C CYS D 259 16.37 18.12 5.42
N HIS D 260 15.68 17.13 4.86
CA HIS D 260 15.07 16.09 5.65
C HIS D 260 15.42 14.70 5.10
N VAL D 261 15.96 13.87 5.97
CA VAL D 261 16.47 12.56 5.60
C VAL D 261 15.74 11.45 6.34
N GLN D 262 15.16 10.52 5.58
CA GLN D 262 14.50 9.35 6.17
C GLN D 262 15.21 8.08 5.74
N HIS D 263 15.64 7.29 6.72
CA HIS D 263 16.31 6.02 6.47
C HIS D 263 16.13 5.04 7.62
N GLU D 264 16.12 3.75 7.29
CA GLU D 264 15.87 2.68 8.25
C GLU D 264 16.84 2.68 9.43
N GLY D 265 18.09 3.06 9.18
CA GLY D 265 19.11 3.04 10.21
C GLY D 265 19.11 4.25 11.12
N LEU D 266 18.34 5.26 10.74
CA LEU D 266 18.20 6.46 11.57
C LEU D 266 17.17 6.21 12.66
N PRO D 267 17.60 6.31 13.93
CA PRO D 267 16.69 6.17 15.07
C PRO D 267 15.57 7.20 15.01
N LYS D 268 15.90 8.38 14.48
CA LYS D 268 14.92 9.41 14.21
C LYS D 268 15.21 10.04 12.85
N PRO D 269 14.16 10.47 12.14
CA PRO D 269 14.34 11.21 10.89
C PRO D 269 15.17 12.46 11.13
N LEU D 270 16.06 12.78 10.19
CA LEU D 270 17.04 13.84 10.40
C LEU D 270 16.64 15.15 9.73
N THR D 271 16.84 16.25 10.44
CA THR D 271 16.62 17.58 9.89
C THR D 271 17.91 18.40 9.94
N LEU D 272 18.45 18.73 8.77
CA LEU D 272 19.67 19.51 8.68
C LEU D 272 19.33 20.94 8.28
N ARG D 273 20.04 21.89 8.86
CA ARG D 273 19.72 23.29 8.63
C ARG D 273 20.94 24.19 8.56
N TRP D 274 20.74 25.42 8.10
CA TRP D 274 21.82 26.38 7.96
C TRP D 274 21.86 27.32 9.17
N GLU D 275 21.12 26.94 10.22
CA GLU D 275 21.11 27.71 11.46
C GLU D 275 21.74 26.92 12.59
N MET E 1 9.87 2.10 -31.53
CA MET E 1 10.35 1.43 -30.33
C MET E 1 10.80 2.46 -29.31
N ILE E 2 10.57 2.17 -28.02
CA ILE E 2 10.88 3.13 -26.98
C ILE E 2 12.38 3.27 -26.72
N GLN E 3 12.77 4.49 -26.35
CA GLN E 3 14.16 4.80 -26.04
C GLN E 3 14.20 5.71 -24.83
N ARG E 4 15.08 5.38 -23.88
CA ARG E 4 15.26 6.21 -22.70
C ARG E 4 16.71 6.63 -22.53
N THR E 5 16.91 7.91 -22.22
CA THR E 5 18.23 8.51 -22.14
C THR E 5 18.95 8.12 -20.86
N PRO E 6 20.24 7.77 -20.96
CA PRO E 6 21.01 7.43 -19.76
C PRO E 6 21.23 8.64 -18.86
N LYS E 7 21.02 8.45 -17.56
CA LYS E 7 21.33 9.44 -16.56
C LYS E 7 22.72 9.13 -16.03
N ILE E 8 23.63 10.10 -16.13
CA ILE E 8 25.04 9.85 -15.88
C ILE E 8 25.53 10.59 -14.65
N GLN E 9 26.19 9.85 -13.75
CA GLN E 9 26.80 10.45 -12.57
C GLN E 9 28.26 10.04 -12.44
N VAL E 10 29.14 11.03 -12.28
CA VAL E 10 30.57 10.77 -12.11
C VAL E 10 30.97 11.23 -10.72
N TYR E 11 31.54 10.32 -9.93
CA TYR E 11 31.78 10.61 -8.52
C TYR E 11 32.81 9.69 -7.90
N SER E 12 33.39 10.11 -6.78
CA SER E 12 34.35 9.27 -6.07
C SER E 12 33.65 8.46 -4.98
N ARG E 13 34.21 7.30 -4.65
CA ARG E 13 33.66 6.46 -3.59
C ARG E 13 33.72 7.17 -2.25
N HIS E 14 34.89 7.73 -1.94
CA HIS E 14 35.08 8.48 -0.71
C HIS E 14 35.41 9.92 -1.07
N PRO E 15 35.30 10.84 -0.09
CA PRO E 15 35.77 12.22 -0.29
C PRO E 15 37.18 12.25 -0.84
N ALA E 16 37.40 13.04 -1.89
CA ALA E 16 38.66 13.05 -2.60
C ALA E 16 39.74 13.89 -1.88
N GLU E 17 40.92 13.29 -1.74
CA GLU E 17 42.08 13.99 -1.20
C GLU E 17 43.24 13.81 -2.17
N ASN E 18 43.92 14.91 -2.49
CA ASN E 18 45.04 14.87 -3.43
C ASN E 18 46.17 13.96 -2.95
N GLY E 19 46.55 13.01 -3.80
CA GLY E 19 47.63 12.09 -3.48
C GLY E 19 47.18 10.86 -2.71
N LYS E 20 45.87 10.73 -2.51
CA LYS E 20 45.32 9.59 -1.78
C LYS E 20 44.50 8.69 -2.69
N SER E 21 44.78 7.39 -2.65
CA SER E 21 44.10 6.42 -3.50
C SER E 21 42.60 6.36 -3.21
N ASN E 22 41.82 6.24 -4.27
CA ASN E 22 40.37 6.34 -4.19
C ASN E 22 39.74 5.56 -5.35
N PHE E 23 38.42 5.57 -5.43
CA PHE E 23 37.73 4.90 -6.53
C PHE E 23 36.85 5.87 -7.32
N LEU E 24 37.04 5.86 -8.64
CA LEU E 24 36.27 6.68 -9.56
C LEU E 24 35.13 5.88 -10.16
N ASN E 25 33.92 6.42 -10.04
CA ASN E 25 32.70 5.78 -10.49
C ASN E 25 31.98 6.59 -11.55
N CYS E 26 31.49 5.90 -12.56
CA CYS E 26 30.53 6.45 -13.51
C CYS E 26 29.29 5.55 -13.52
N TYR E 27 28.24 6.02 -12.85
CA TYR E 27 26.99 5.29 -12.78
C TYR E 27 26.03 5.80 -13.85
N VAL E 28 25.58 4.89 -14.71
CA VAL E 28 24.61 5.25 -15.74
C VAL E 28 23.32 4.48 -15.49
N SER E 29 22.20 5.19 -15.41
CA SER E 29 20.93 4.53 -15.09
C SER E 29 19.77 5.00 -15.97
N GLY E 30 18.67 4.25 -15.93
CA GLY E 30 17.45 4.67 -16.59
C GLY E 30 17.46 4.70 -18.11
N PHE E 31 18.33 3.89 -18.72
CA PHE E 31 18.43 3.89 -20.18
C PHE E 31 17.82 2.67 -20.85
N HIS E 32 17.47 2.84 -22.12
CA HIS E 32 16.90 1.78 -22.94
C HIS E 32 17.07 2.17 -24.41
N PRO E 33 17.50 1.23 -25.26
CA PRO E 33 17.83 -0.18 -24.96
C PRO E 33 19.16 -0.37 -24.25
N SER E 34 19.60 -1.62 -24.13
CA SER E 34 20.74 -1.97 -23.29
C SER E 34 22.10 -1.55 -23.86
N ASP E 35 22.23 -1.57 -25.18
CA ASP E 35 23.51 -1.25 -25.83
C ASP E 35 23.99 0.16 -25.50
N ILE E 36 25.15 0.25 -24.87
CA ILE E 36 25.67 1.53 -24.42
C ILE E 36 27.20 1.48 -24.30
N GLU E 37 27.86 2.61 -24.54
CA GLU E 37 29.31 2.69 -24.43
C GLU E 37 29.71 3.67 -23.33
N VAL E 38 30.50 3.19 -22.37
CA VAL E 38 30.92 4.03 -21.25
C VAL E 38 32.43 3.97 -21.06
N ASP E 39 33.07 5.14 -21.04
CA ASP E 39 34.51 5.21 -20.79
C ASP E 39 34.86 6.22 -19.72
N LEU E 40 35.76 5.84 -18.83
CA LEU E 40 36.32 6.77 -17.86
C LEU E 40 37.54 7.44 -18.48
N LEU E 41 37.59 8.77 -18.38
CA LEU E 41 38.65 9.54 -19.01
C LEU E 41 39.54 10.24 -18.00
N LYS E 42 40.85 10.14 -18.21
CA LYS E 42 41.81 10.90 -17.43
C LYS E 42 42.54 11.86 -18.37
N ASN E 43 42.32 13.16 -18.17
CA ASN E 43 42.86 14.19 -19.05
C ASN E 43 42.48 13.95 -20.52
N GLY E 44 41.25 13.50 -20.74
CA GLY E 44 40.75 13.26 -22.08
C GLY E 44 41.12 11.91 -22.64
N GLU E 45 41.93 11.16 -21.89
CA GLU E 45 42.43 9.86 -22.34
C GLU E 45 41.66 8.72 -21.70
N ARG E 46 41.28 7.74 -22.51
CA ARG E 46 40.53 6.58 -22.02
C ARG E 46 41.34 5.74 -21.04
N ILE E 47 40.77 5.50 -19.86
CA ILE E 47 41.38 4.61 -18.88
C ILE E 47 41.05 3.16 -19.23
N GLU E 48 42.09 2.34 -19.35
CA GLU E 48 41.90 0.98 -19.84
C GLU E 48 41.54 -0.04 -18.76
N LYS E 49 42.10 0.11 -17.57
CA LYS E 49 41.75 -0.76 -16.45
C LYS E 49 40.42 -0.35 -15.83
N VAL E 50 39.34 -0.51 -16.58
CA VAL E 50 38.01 -0.16 -16.08
C VAL E 50 37.09 -1.37 -16.04
N GLU E 51 36.57 -1.66 -14.85
CA GLU E 51 35.62 -2.75 -14.69
C GLU E 51 34.20 -2.20 -14.70
N HIS E 52 33.22 -3.08 -14.85
CA HIS E 52 31.81 -2.68 -14.80
C HIS E 52 30.93 -3.75 -14.20
N SER E 53 29.78 -3.32 -13.67
CA SER E 53 28.84 -4.24 -13.03
C SER E 53 28.09 -5.05 -14.08
N ASP E 54 27.38 -6.09 -13.62
CA ASP E 54 26.57 -6.90 -14.52
C ASP E 54 25.27 -6.18 -14.84
N LEU E 55 24.82 -6.32 -16.09
CA LEU E 55 23.62 -5.64 -16.57
C LEU E 55 22.38 -6.04 -15.76
N SER E 56 21.72 -5.03 -15.19
CA SER E 56 20.48 -5.24 -14.46
C SER E 56 19.52 -4.11 -14.80
N PHE E 57 18.29 -4.17 -14.28
CA PHE E 57 17.32 -3.13 -14.57
C PHE E 57 16.40 -2.81 -13.38
N SER E 58 15.76 -1.66 -13.44
CA SER E 58 14.88 -1.20 -12.38
C SER E 58 13.44 -1.65 -12.63
N LYS E 59 12.55 -1.27 -11.70
CA LYS E 59 11.14 -1.66 -11.77
C LYS E 59 10.49 -1.18 -13.06
N ASP E 60 10.99 -0.07 -13.60
CA ASP E 60 10.43 0.50 -14.83
C ASP E 60 11.13 -0.04 -16.09
N TRP E 61 11.83 -1.15 -15.92
CA TRP E 61 12.52 -1.86 -17.01
C TRP E 61 13.77 -1.17 -17.55
N SER E 62 14.05 0.03 -17.06
CA SER E 62 15.22 0.76 -17.52
C SER E 62 16.51 0.17 -16.94
N PHE E 63 17.56 0.13 -17.74
CA PHE E 63 18.81 -0.52 -17.33
C PHE E 63 19.72 0.40 -16.52
N TYR E 64 20.65 -0.22 -15.79
CA TYR E 64 21.68 0.53 -15.07
C TYR E 64 22.99 -0.24 -15.00
N LEU E 65 24.08 0.51 -15.06
CA LEU E 65 25.43 -0.05 -15.02
C LEU E 65 26.35 0.86 -14.22
N LEU E 66 27.27 0.25 -13.48
CA LEU E 66 28.30 1.00 -12.78
C LEU E 66 29.66 0.69 -13.38
N TYR E 67 30.35 1.73 -13.86
CA TYR E 67 31.72 1.58 -14.32
C TYR E 67 32.65 2.17 -13.27
N TYR E 68 33.79 1.55 -13.03
CA TYR E 68 34.66 2.01 -11.95
C TYR E 68 36.13 1.67 -12.13
N THR E 69 36.99 2.48 -11.53
CA THR E 69 38.42 2.19 -11.56
C THR E 69 39.10 2.81 -10.36
N GLU E 70 40.29 2.33 -10.01
CA GLU E 70 41.06 2.96 -8.95
C GLU E 70 41.71 4.21 -9.52
N PHE E 71 41.77 5.27 -8.73
CA PHE E 71 42.45 6.49 -9.17
C PHE E 71 42.99 7.29 -7.99
N THR E 72 44.06 8.03 -8.25
CA THR E 72 44.61 8.93 -7.24
C THR E 72 44.48 10.36 -7.75
N PRO E 73 43.50 11.09 -7.20
CA PRO E 73 43.24 12.47 -7.63
C PRO E 73 44.40 13.40 -7.32
N THR E 74 44.66 14.34 -8.22
CA THR E 74 45.64 15.39 -8.00
C THR E 74 44.97 16.73 -8.24
N GLU E 75 45.74 17.80 -8.16
CA GLU E 75 45.19 19.14 -8.37
C GLU E 75 44.90 19.41 -9.84
N LYS E 76 45.73 18.86 -10.72
CA LYS E 76 45.65 19.18 -12.14
C LYS E 76 44.99 18.11 -13.01
N ASP E 77 45.01 16.85 -12.57
CA ASP E 77 44.40 15.78 -13.36
C ASP E 77 42.89 15.92 -13.44
N GLU E 78 42.38 16.04 -14.65
CA GLU E 78 40.94 16.13 -14.89
C GLU E 78 40.36 14.75 -15.23
N TYR E 79 39.26 14.41 -14.56
CA TYR E 79 38.60 13.13 -14.81
C TYR E 79 37.18 13.35 -15.32
N ALA E 80 36.73 12.44 -16.18
CA ALA E 80 35.38 12.55 -16.72
C ALA E 80 34.84 11.18 -17.10
N CYS E 81 33.61 11.16 -17.59
CA CYS E 81 33.02 9.94 -18.11
C CYS E 81 32.31 10.28 -19.41
N ARG E 82 32.62 9.53 -20.47
CA ARG E 82 31.93 9.73 -21.72
C ARG E 82 31.01 8.56 -22.02
N VAL E 83 29.80 8.88 -22.47
CA VAL E 83 28.76 7.88 -22.70
C VAL E 83 28.16 8.06 -24.08
N ASN E 84 28.07 6.97 -24.83
CA ASN E 84 27.36 6.98 -26.09
C ASN E 84 26.19 5.99 -26.05
N HIS E 85 25.06 6.44 -26.60
CA HIS E 85 23.83 5.68 -26.59
C HIS E 85 22.99 6.18 -27.76
N VAL E 86 22.02 5.37 -28.20
CA VAL E 86 21.22 5.70 -29.37
C VAL E 86 20.41 6.99 -29.18
N THR E 87 20.12 7.32 -27.92
CA THR E 87 19.34 8.51 -27.60
C THR E 87 20.17 9.79 -27.69
N LEU E 88 21.48 9.63 -27.86
CA LEU E 88 22.39 10.77 -27.89
C LEU E 88 22.89 11.04 -29.31
N SER E 89 22.74 12.29 -29.77
CA SER E 89 23.21 12.70 -31.07
C SER E 89 24.73 12.54 -31.17
N GLN E 90 25.41 12.88 -30.09
CA GLN E 90 26.85 12.70 -29.98
C GLN E 90 27.16 12.28 -28.54
N PRO E 91 28.33 11.65 -28.33
CA PRO E 91 28.71 11.21 -26.97
C PRO E 91 28.65 12.36 -25.96
N LYS E 92 28.09 12.09 -24.79
CA LYS E 92 28.01 13.08 -23.74
C LYS E 92 29.13 12.88 -22.72
N ILE E 93 29.89 13.94 -22.47
CA ILE E 93 30.98 13.88 -21.50
C ILE E 93 30.60 14.64 -20.24
N VAL E 94 30.60 13.94 -19.11
CA VAL E 94 30.32 14.56 -17.82
C VAL E 94 31.61 14.62 -17.00
N LYS E 95 32.01 15.83 -16.62
CA LYS E 95 33.25 16.02 -15.87
C LYS E 95 33.07 15.72 -14.40
N TRP E 96 34.09 15.11 -13.80
CA TRP E 96 34.08 14.86 -12.36
C TRP E 96 34.24 16.18 -11.61
N ASP E 97 33.26 16.50 -10.77
CA ASP E 97 33.32 17.70 -9.95
C ASP E 97 33.45 17.28 -8.48
N ARG E 98 34.62 17.50 -7.90
CA ARG E 98 34.90 17.05 -6.55
C ARG E 98 34.32 17.98 -5.48
N ASP E 99 33.95 19.18 -5.88
CA ASP E 99 33.50 20.19 -4.93
C ASP E 99 31.98 20.26 -4.78
N MET E 100 31.30 19.20 -5.18
CA MET E 100 29.83 19.15 -5.09
C MET E 100 29.36 18.94 -3.65
N VAL F 1 17.50 -19.73 -4.85
CA VAL F 1 17.66 -20.32 -6.16
C VAL F 1 16.59 -19.81 -7.12
N CYS F 2 16.83 -19.98 -8.42
CA CYS F 2 15.88 -19.51 -9.43
C CYS F 2 14.78 -20.54 -9.69
N TRP F 3 13.88 -20.19 -10.61
CA TRP F 3 12.71 -20.99 -10.92
C TRP F 3 13.02 -21.98 -12.05
N GLY F 4 12.73 -23.26 -11.82
CA GLY F 4 13.16 -24.31 -12.74
C GLY F 4 12.14 -24.86 -13.72
N GLU F 5 10.95 -24.26 -13.77
CA GLU F 5 9.91 -24.76 -14.66
C GLU F 5 9.37 -23.64 -15.57
N LEU F 6 10.22 -23.15 -16.46
CA LEU F 6 9.84 -22.08 -17.37
C LEU F 6 8.93 -22.56 -18.50
N MET F 7 8.24 -21.62 -19.14
CA MET F 7 7.46 -21.92 -20.33
C MET F 7 7.53 -20.77 -21.33
N ASN F 8 7.62 -21.13 -22.61
CA ASN F 8 7.74 -20.14 -23.68
C ASN F 8 6.52 -19.21 -23.77
N LEU F 9 6.75 -18.01 -24.30
CA LEU F 9 5.66 -17.08 -24.52
C LEU F 9 4.74 -17.57 -25.64
#